data_4Y4L
#
_entry.id   4Y4L
#
_cell.length_a   127.393
_cell.length_b   127.393
_cell.length_c   72.579
_cell.angle_alpha   90.00
_cell.angle_beta   90.00
_cell.angle_gamma   90.00
#
_symmetry.space_group_name_H-M   'P 4'
#
loop_
_entity.id
_entity.type
_entity.pdbx_description
1 polymer 'Thiamine thiazole synthase'
2 non-polymer '(2E)-2-[(2S,4R)-5-[[[(2R,3S,4R,5R)-5-(6-aminopurin-9-yl)-3,4-bis(oxidanyl)oxolan-2-yl]methoxy-oxidanyl-phosphoryl]oxy-oxidanyl-phosphoryl]oxy-4-oxidanyl-3-oxidanylidene-pentan-2-yl]iminoethanoic acid'
3 water water
#
_entity_poly.entity_id   1
_entity_poly.type   'polypeptide(L)'
_entity_poly.pdbx_seq_one_letter_code
;MGSSHHHHHHSSGLVPRGSHMSATSTATSTSASQLHLNSTPVTHCLSDIVKKEDWSDFKFAPIRESTVSRAMTSRYFKDL
DKFAVSDVIIVGAGSSGLSAAYVIAKNRPDLKVCIIESSVAPGGGSWLGGQLFSAMVMRKPAHLFLQELEIPYEDEGDYV
VVKHAALFISTVLSKVLQLPNVKLFNATCVEDLVTRPPTEKGEVTVAGVVTNWTLVTQAHGTQCSMDPNVIELAGYKNDG
TRDLSQKHGVILSTTGHDGPFGAFCAKRIVDIDQNQKLGGMKGLDMNHAEHDVVIHSGAYAGVDNMYFAGMEVAELDGLN
RMGPTFGAMALSGVHAAEQILKHFAA
;
_entity_poly.pdbx_strand_id   A,B,C,D
#
loop_
_chem_comp.id
_chem_comp.type
_chem_comp.name
_chem_comp.formula
48N non-polymer '(2E)-2-[(2S,4R)-5-[[[(2R,3S,4R,5R)-5-(6-aminopurin-9-yl)-3,4-bis(oxidanyl)oxolan-2-yl]methoxy-oxidanyl-phosphoryl]oxy-oxidanyl-phosphoryl]oxy-4-oxidanyl-3-oxidanylidene-pentan-2-yl]iminoethanoic acid' 'C17 H24 N6 O14 P2'
#
# COMPACT_ATOMS: atom_id res chain seq x y z
N VAL A 42 3.55 13.77 0.42
CA VAL A 42 3.05 14.31 -0.89
C VAL A 42 4.02 15.37 -1.42
N THR A 43 4.90 14.98 -2.34
CA THR A 43 5.79 15.93 -3.01
C THR A 43 5.83 15.71 -4.52
N HIS A 44 6.06 16.80 -5.23
CA HIS A 44 6.13 16.79 -6.68
C HIS A 44 7.03 17.96 -7.12
N CYS A 45 7.22 18.10 -8.43
CA CYS A 45 8.19 19.05 -8.98
C CYS A 45 7.93 20.52 -8.62
N LEU A 46 6.69 20.88 -8.34
CA LEU A 46 6.34 22.26 -7.98
C LEU A 46 6.19 22.50 -6.47
N SER A 47 6.56 21.54 -5.63
CA SER A 47 6.36 21.68 -4.18
C SER A 47 7.06 22.92 -3.59
N ASP A 48 8.19 23.30 -4.18
CA ASP A 48 8.98 24.44 -3.67
C ASP A 48 8.50 25.81 -4.14
N ILE A 49 7.66 25.86 -5.17
CA ILE A 49 7.19 27.15 -5.72
C ILE A 49 5.68 27.37 -5.66
N VAL A 50 4.90 26.31 -5.48
CA VAL A 50 3.47 26.46 -5.24
C VAL A 50 3.21 26.13 -3.77
N LYS A 51 2.82 27.14 -2.99
CA LYS A 51 2.66 26.99 -1.54
C LYS A 51 1.20 27.00 -1.08
N LYS A 52 0.31 27.54 -1.90
CA LYS A 52 -1.12 27.54 -1.61
C LYS A 52 -1.71 26.17 -1.93
N GLU A 53 -2.55 25.67 -1.05
CA GLU A 53 -3.23 24.38 -1.27
C GLU A 53 -4.12 24.44 -2.49
N ASP A 54 -4.71 25.61 -2.74
CA ASP A 54 -5.59 25.81 -3.89
C ASP A 54 -4.83 26.24 -5.17
N TRP A 55 -3.49 26.24 -5.12
CA TRP A 55 -2.65 26.61 -6.25
C TRP A 55 -2.88 28.04 -6.78
N SER A 56 -3.46 28.91 -5.94
CA SER A 56 -3.75 30.28 -6.36
C SER A 56 -2.49 31.09 -6.64
N ASP A 57 -1.37 30.69 -6.05
CA ASP A 57 -0.08 31.34 -6.31
C ASP A 57 0.69 30.74 -7.51
N PHE A 58 0.10 29.76 -8.19
CA PHE A 58 0.72 29.19 -9.40
C PHE A 58 0.67 30.18 -10.54
N LYS A 59 1.71 30.21 -11.38
CA LYS A 59 1.64 30.92 -12.65
C LYS A 59 2.71 30.47 -13.64
N PHE A 60 2.35 30.53 -14.93
CA PHE A 60 3.31 30.39 -16.01
C PHE A 60 3.90 31.77 -16.31
N ALA A 61 5.12 31.79 -16.82
CA ALA A 61 5.65 32.99 -17.44
C ALA A 61 4.77 33.34 -18.63
N PRO A 62 4.52 34.64 -18.89
CA PRO A 62 3.62 34.99 -19.99
C PRO A 62 4.19 34.61 -21.36
N ILE A 63 3.33 34.59 -22.37
CA ILE A 63 3.71 34.13 -23.70
C ILE A 63 2.86 34.83 -24.76
N ARG A 64 3.44 34.96 -25.95
CA ARG A 64 2.74 35.42 -27.13
C ARG A 64 2.58 34.23 -28.09
N GLU A 65 1.40 34.09 -28.68
CA GLU A 65 1.07 32.90 -29.46
C GLU A 65 2.05 32.63 -30.61
N SER A 66 2.47 33.69 -31.29
CA SER A 66 3.41 33.58 -32.42
C SER A 66 4.79 33.11 -32.03
N THR A 67 5.20 33.37 -30.79
CA THR A 67 6.47 32.84 -30.27
C THR A 67 6.45 31.31 -30.32
N VAL A 68 5.32 30.73 -29.91
CA VAL A 68 5.16 29.29 -29.86
C VAL A 68 5.16 28.71 -31.28
N SER A 69 4.37 29.32 -32.15
CA SER A 69 4.31 28.91 -33.56
C SER A 69 5.71 28.92 -34.18
N ARG A 70 6.41 30.05 -34.05
CA ARG A 70 7.74 30.18 -34.65
CA ARG A 70 7.75 30.20 -34.63
C ARG A 70 8.74 29.20 -34.04
N ALA A 71 8.62 28.93 -32.74
CA ALA A 71 9.49 27.96 -32.09
C ALA A 71 9.35 26.58 -32.72
N MET A 72 8.12 26.20 -33.06
CA MET A 72 7.83 24.91 -33.69
C MET A 72 8.26 24.82 -35.14
N THR A 73 7.85 25.82 -35.92
CA THR A 73 8.04 25.79 -37.37
C THR A 73 9.50 25.91 -37.77
N SER A 74 10.20 26.83 -37.10
CA SER A 74 11.63 27.01 -37.35
C SER A 74 12.38 25.69 -37.17
N ARG A 75 12.07 24.98 -36.10
CA ARG A 75 12.71 23.69 -35.84
C ARG A 75 12.38 22.64 -36.88
N TYR A 76 11.12 22.57 -37.31
CA TYR A 76 10.76 21.58 -38.32
C TYR A 76 11.47 21.84 -39.65
N PHE A 77 11.59 23.12 -40.05
CA PHE A 77 12.34 23.41 -41.27
C PHE A 77 13.79 23.01 -41.14
N LYS A 78 14.38 23.28 -39.98
CA LYS A 78 15.77 22.90 -39.75
C LYS A 78 15.94 21.40 -39.97
N ASP A 79 15.01 20.62 -39.43
CA ASP A 79 14.98 19.16 -39.63
C ASP A 79 14.90 18.79 -41.10
N LEU A 80 13.95 19.41 -41.81
CA LEU A 80 13.76 19.15 -43.23
C LEU A 80 15.01 19.51 -44.04
N ASP A 81 15.65 20.60 -43.68
CA ASP A 81 16.87 21.04 -44.36
C ASP A 81 18.04 20.09 -44.07
N LYS A 82 18.23 19.76 -42.79
CA LYS A 82 19.33 18.90 -42.37
C LYS A 82 19.22 17.49 -42.94
N PHE A 83 18.01 16.93 -42.92
CA PHE A 83 17.81 15.53 -43.29
C PHE A 83 17.39 15.33 -44.76
N ALA A 84 17.33 16.42 -45.52
CA ALA A 84 17.00 16.35 -46.95
C ALA A 84 17.95 15.41 -47.67
N VAL A 85 19.19 15.34 -47.18
CA VAL A 85 20.12 14.28 -47.56
C VAL A 85 20.45 13.53 -46.29
N SER A 86 20.12 12.23 -46.26
CA SER A 86 20.33 11.39 -45.10
C SER A 86 21.26 10.24 -45.40
N ASP A 87 21.92 9.73 -44.36
CA ASP A 87 22.82 8.59 -44.47
C ASP A 87 22.07 7.26 -44.40
N VAL A 88 21.13 7.18 -43.46
CA VAL A 88 20.26 6.00 -43.31
C VAL A 88 18.81 6.49 -43.26
N ILE A 89 17.99 5.98 -44.18
CA ILE A 89 16.55 6.21 -44.14
C ILE A 89 15.88 4.92 -43.68
N ILE A 90 15.19 4.99 -42.55
CA ILE A 90 14.47 3.84 -42.01
C ILE A 90 12.99 4.07 -42.26
N VAL A 91 12.38 3.15 -43.01
CA VAL A 91 10.95 3.24 -43.32
C VAL A 91 10.15 2.35 -42.39
N GLY A 92 9.41 2.98 -41.47
CA GLY A 92 8.58 2.26 -40.51
C GLY A 92 9.20 2.19 -39.13
N ALA A 93 8.60 2.89 -38.16
CA ALA A 93 9.09 2.92 -36.79
C ALA A 93 8.35 1.90 -35.92
N GLY A 94 8.39 0.64 -36.33
CA GLY A 94 7.90 -0.47 -35.51
C GLY A 94 9.03 -1.08 -34.72
N SER A 95 8.81 -2.28 -34.17
CA SER A 95 9.83 -2.93 -33.34
CA SER A 95 9.82 -2.92 -33.34
C SER A 95 11.15 -3.15 -34.07
N SER A 96 11.08 -3.64 -35.30
CA SER A 96 12.31 -3.96 -36.04
C SER A 96 13.06 -2.70 -36.49
N GLY A 97 12.33 -1.71 -37.00
CA GLY A 97 12.92 -0.44 -37.39
C GLY A 97 13.58 0.31 -36.24
N LEU A 98 12.86 0.38 -35.12
CA LEU A 98 13.36 1.11 -33.95
C LEU A 98 14.53 0.38 -33.29
N SER A 99 14.50 -0.95 -33.29
CA SER A 99 15.62 -1.72 -32.76
C SER A 99 16.87 -1.49 -33.61
N ALA A 100 16.70 -1.51 -34.93
CA ALA A 100 17.80 -1.23 -35.86
C ALA A 100 18.32 0.19 -35.66
N ALA A 101 17.40 1.15 -35.56
CA ALA A 101 17.78 2.56 -35.38
C ALA A 101 18.67 2.73 -34.16
N TYR A 102 18.29 2.09 -33.06
CA TYR A 102 19.06 2.18 -31.82
C TYR A 102 20.49 1.69 -32.00
N VAL A 103 20.64 0.52 -32.60
CA VAL A 103 21.96 -0.08 -32.76
C VAL A 103 22.81 0.78 -33.71
N ILE A 104 22.21 1.24 -34.79
CA ILE A 104 22.96 2.05 -35.77
C ILE A 104 23.41 3.37 -35.15
N ALA A 105 22.47 4.11 -34.58
CA ALA A 105 22.76 5.45 -34.09
C ALA A 105 23.66 5.44 -32.86
N LYS A 106 23.44 4.48 -31.96
CA LYS A 106 24.30 4.32 -30.79
C LYS A 106 25.76 4.05 -31.19
N ASN A 107 25.96 3.20 -32.19
CA ASN A 107 27.31 2.89 -32.67
C ASN A 107 27.93 4.02 -33.51
N ARG A 108 27.10 4.68 -34.30
CA ARG A 108 27.58 5.76 -35.16
C ARG A 108 26.70 7.00 -35.00
N PRO A 109 26.92 7.77 -33.90
CA PRO A 109 26.09 8.94 -33.59
C PRO A 109 26.25 10.10 -34.58
N ASP A 110 27.27 10.03 -35.42
CA ASP A 110 27.49 11.03 -36.47
C ASP A 110 26.61 10.84 -37.72
N LEU A 111 26.05 9.66 -37.93
CA LEU A 111 25.22 9.42 -39.12
C LEU A 111 23.83 10.05 -39.00
N LYS A 112 23.36 10.66 -40.09
CA LYS A 112 22.00 11.17 -40.15
C LYS A 112 21.05 10.00 -40.40
N VAL A 113 20.32 9.64 -39.35
CA VAL A 113 19.38 8.55 -39.37
C VAL A 113 17.97 9.13 -39.37
N CYS A 114 17.31 8.99 -40.52
CA CYS A 114 16.01 9.60 -40.78
C CYS A 114 14.93 8.51 -40.71
N ILE A 115 14.04 8.60 -39.73
CA ILE A 115 12.99 7.60 -39.54
C ILE A 115 11.65 8.13 -40.04
N ILE A 116 11.08 7.47 -41.05
CA ILE A 116 9.79 7.88 -41.62
C ILE A 116 8.70 6.93 -41.14
N GLU A 117 7.69 7.49 -40.47
CA GLU A 117 6.61 6.70 -39.88
C GLU A 117 5.24 7.27 -40.28
N SER A 118 4.45 6.47 -40.98
CA SER A 118 3.17 6.93 -41.52
C SER A 118 2.11 7.29 -40.45
N SER A 119 2.09 6.56 -39.35
CA SER A 119 1.11 6.84 -38.28
C SER A 119 1.55 8.02 -37.41
N VAL A 120 0.59 8.59 -36.71
CA VAL A 120 0.90 9.64 -35.73
C VAL A 120 1.73 9.03 -34.60
N ALA A 121 1.24 7.94 -34.02
CA ALA A 121 2.00 7.24 -33.00
C ALA A 121 2.94 6.25 -33.66
N PRO A 122 4.23 6.30 -33.31
CA PRO A 122 5.13 5.26 -33.77
C PRO A 122 4.94 3.99 -32.96
N GLY A 123 5.70 2.95 -33.29
CA GLY A 123 5.65 1.70 -32.54
C GLY A 123 4.95 0.55 -33.24
N GLY A 124 4.22 0.85 -34.31
CA GLY A 124 3.58 -0.17 -35.12
C GLY A 124 2.77 -1.16 -34.30
N GLY A 125 3.14 -2.45 -34.40
CA GLY A 125 2.36 -3.53 -33.81
C GLY A 125 2.80 -3.97 -32.42
N SER A 126 3.61 -3.15 -31.77
CA SER A 126 4.23 -3.52 -30.51
C SER A 126 3.66 -2.82 -29.29
N TRP A 127 2.45 -2.27 -29.40
CA TRP A 127 1.77 -1.67 -28.23
C TRP A 127 0.91 -2.71 -27.49
N LEU A 128 0.76 -3.88 -28.10
CA LEU A 128 -0.04 -4.97 -27.57
C LEU A 128 0.67 -6.27 -27.83
N GLY A 129 0.30 -7.31 -27.08
CA GLY A 129 0.56 -8.68 -27.47
C GLY A 129 -0.52 -9.15 -28.42
N GLY A 130 -0.94 -10.41 -28.29
CA GLY A 130 -1.96 -10.97 -29.17
C GLY A 130 -3.37 -10.83 -28.63
N GLN A 131 -4.34 -10.74 -29.54
CA GLN A 131 -5.77 -10.68 -29.19
C GLN A 131 -6.08 -9.55 -28.20
N LEU A 132 -5.40 -8.42 -28.38
CA LEU A 132 -5.50 -7.22 -27.51
C LEU A 132 -4.98 -7.41 -26.09
N PHE A 133 -4.31 -8.52 -25.80
CA PHE A 133 -3.68 -8.73 -24.50
C PHE A 133 -2.33 -8.03 -24.49
N SER A 134 -1.72 -7.93 -23.31
CA SER A 134 -0.60 -6.99 -23.07
C SER A 134 0.80 -7.60 -23.19
N ALA A 135 0.98 -8.81 -22.68
CA ALA A 135 2.32 -9.36 -22.45
C ALA A 135 3.12 -9.59 -23.74
N MET A 136 4.40 -9.24 -23.69
CA MET A 136 5.28 -9.40 -24.84
C MET A 136 6.31 -10.51 -24.57
N VAL A 137 6.15 -11.62 -25.28
CA VAL A 137 7.03 -12.76 -25.15
C VAL A 137 8.20 -12.65 -26.11
N MET A 138 9.43 -12.73 -25.57
CA MET A 138 10.65 -12.74 -26.39
C MET A 138 11.51 -13.94 -26.06
N ARG A 139 11.79 -14.77 -27.05
CA ARG A 139 12.66 -15.92 -26.86
C ARG A 139 14.13 -15.52 -26.72
N LYS A 140 14.85 -16.24 -25.86
CA LYS A 140 16.28 -16.01 -25.72
C LYS A 140 16.93 -16.39 -27.04
N PRO A 141 17.97 -15.64 -27.46
CA PRO A 141 18.74 -14.64 -26.74
C PRO A 141 18.28 -13.17 -26.87
N ALA A 142 17.03 -12.92 -27.27
CA ALA A 142 16.53 -11.53 -27.39
C ALA A 142 16.55 -10.76 -26.06
N HIS A 143 16.54 -11.49 -24.95
CA HIS A 143 16.65 -10.89 -23.61
C HIS A 143 17.94 -10.07 -23.41
N LEU A 144 18.99 -10.38 -24.16
CA LEU A 144 20.23 -9.60 -24.10
C LEU A 144 20.01 -8.17 -24.62
N PHE A 145 19.11 -8.03 -25.60
CA PHE A 145 18.73 -6.71 -26.10
C PHE A 145 17.96 -5.95 -25.02
N LEU A 146 17.04 -6.63 -24.35
CA LEU A 146 16.30 -6.03 -23.25
C LEU A 146 17.24 -5.55 -22.14
N GLN A 147 18.26 -6.33 -21.85
CA GLN A 147 19.26 -5.94 -20.85
C GLN A 147 19.99 -4.67 -21.26
N GLU A 148 20.41 -4.59 -22.52
CA GLU A 148 21.08 -3.39 -23.02
C GLU A 148 20.21 -2.13 -22.89
N LEU A 149 18.92 -2.30 -23.10
CA LEU A 149 17.97 -1.18 -23.05
C LEU A 149 17.41 -0.96 -21.65
N GLU A 150 17.83 -1.80 -20.69
CA GLU A 150 17.38 -1.72 -19.30
C GLU A 150 15.86 -1.90 -19.19
N ILE A 151 15.31 -2.79 -20.00
CA ILE A 151 13.88 -3.10 -19.94
C ILE A 151 13.71 -4.32 -19.03
N PRO A 152 13.00 -4.15 -17.89
CA PRO A 152 12.82 -5.29 -17.01
C PRO A 152 11.95 -6.37 -17.65
N TYR A 153 12.15 -7.62 -17.24
CA TYR A 153 11.37 -8.73 -17.75
C TYR A 153 11.26 -9.86 -16.74
N GLU A 154 10.33 -10.76 -17.00
CA GLU A 154 10.14 -11.97 -16.21
C GLU A 154 10.80 -13.12 -16.97
N ASP A 155 11.76 -13.78 -16.32
CA ASP A 155 12.53 -14.87 -16.95
C ASP A 155 11.77 -16.18 -16.79
N GLU A 156 11.42 -16.83 -17.90
CA GLU A 156 10.72 -18.11 -17.88
C GLU A 156 11.57 -19.26 -18.42
N GLY A 157 12.89 -19.08 -18.44
CA GLY A 157 13.82 -20.12 -18.89
C GLY A 157 14.32 -19.89 -20.31
N ASP A 158 13.63 -20.49 -21.28
CA ASP A 158 13.97 -20.36 -22.69
C ASP A 158 13.37 -19.11 -23.35
N TYR A 159 12.49 -18.42 -22.63
CA TYR A 159 11.92 -17.16 -23.12
C TYR A 159 11.69 -16.24 -21.93
N VAL A 160 11.53 -14.95 -22.20
CA VAL A 160 11.21 -13.97 -21.17
C VAL A 160 9.97 -13.18 -21.56
N VAL A 161 9.37 -12.51 -20.58
CA VAL A 161 8.15 -11.75 -20.81
C VAL A 161 8.29 -10.34 -20.28
N VAL A 162 8.08 -9.36 -21.16
CA VAL A 162 7.95 -7.97 -20.76
C VAL A 162 6.50 -7.80 -20.37
N LYS A 163 6.25 -7.23 -19.19
CA LYS A 163 4.90 -7.25 -18.63
C LYS A 163 3.87 -6.47 -19.48
N HIS A 164 4.33 -5.52 -20.28
CA HIS A 164 3.50 -4.89 -21.29
C HIS A 164 4.34 -4.59 -22.52
N ALA A 165 3.85 -4.98 -23.68
CA ALA A 165 4.45 -4.63 -24.97
C ALA A 165 4.76 -3.13 -25.03
N ALA A 166 3.84 -2.32 -24.52
CA ALA A 166 4.00 -0.88 -24.47
C ALA A 166 5.26 -0.44 -23.73
N LEU A 167 5.68 -1.22 -22.72
CA LEU A 167 6.90 -0.91 -21.98
C LEU A 167 8.14 -1.08 -22.87
N PHE A 168 8.16 -2.14 -23.67
CA PHE A 168 9.26 -2.35 -24.61
C PHE A 168 9.35 -1.21 -25.60
N ILE A 169 8.25 -0.95 -26.31
CA ILE A 169 8.29 -0.02 -27.42
C ILE A 169 8.47 1.45 -26.96
N SER A 170 7.84 1.82 -25.85
CA SER A 170 8.05 3.17 -25.31
C SER A 170 9.50 3.39 -24.87
N THR A 171 10.11 2.39 -24.27
CA THR A 171 11.50 2.51 -23.83
C THR A 171 12.47 2.66 -25.01
N VAL A 172 12.32 1.81 -26.03
N VAL A 172 12.34 1.81 -26.03
CA VAL A 172 13.19 1.89 -27.22
CA VAL A 172 13.21 1.91 -27.20
C VAL A 172 13.01 3.26 -27.89
C VAL A 172 13.01 3.22 -27.96
N LEU A 173 11.76 3.69 -28.01
CA LEU A 173 11.45 5.02 -28.58
C LEU A 173 12.17 6.13 -27.85
N SER A 174 12.07 6.09 -26.51
CA SER A 174 12.70 7.09 -25.68
C SER A 174 14.22 7.13 -25.91
N LYS A 175 14.85 5.97 -25.90
CA LYS A 175 16.31 5.91 -26.06
C LYS A 175 16.76 6.28 -27.48
N VAL A 176 15.99 5.86 -28.49
CA VAL A 176 16.29 6.21 -29.87
C VAL A 176 16.19 7.71 -30.11
N LEU A 177 15.11 8.32 -29.62
CA LEU A 177 14.84 9.73 -29.90
C LEU A 177 15.82 10.67 -29.21
N GLN A 178 16.42 10.23 -28.11
CA GLN A 178 17.42 11.04 -27.41
C GLN A 178 18.73 11.19 -28.17
N LEU A 179 18.99 10.33 -29.15
CA LEU A 179 20.25 10.36 -29.87
C LEU A 179 20.31 11.60 -30.79
N PRO A 180 21.50 12.20 -30.94
CA PRO A 180 21.64 13.54 -31.51
C PRO A 180 21.39 13.68 -33.02
N ASN A 181 21.63 12.65 -33.80
CA ASN A 181 21.40 12.73 -35.26
C ASN A 181 20.32 11.76 -35.77
N VAL A 182 19.36 11.43 -34.89
CA VAL A 182 18.17 10.70 -35.26
C VAL A 182 17.01 11.69 -35.40
N LYS A 183 16.21 11.53 -36.45
CA LYS A 183 15.00 12.35 -36.62
C LYS A 183 13.82 11.44 -36.93
N LEU A 184 12.73 11.64 -36.19
CA LEU A 184 11.48 10.93 -36.46
C LEU A 184 10.51 11.85 -37.18
N PHE A 185 10.30 11.59 -38.46
CA PHE A 185 9.25 12.26 -39.21
C PHE A 185 8.04 11.35 -39.14
N ASN A 186 7.24 11.51 -38.10
CA ASN A 186 5.98 10.76 -38.00
C ASN A 186 4.88 11.48 -38.79
N ALA A 187 3.73 10.83 -38.94
CA ALA A 187 2.62 11.33 -39.78
C ALA A 187 3.04 11.53 -41.24
N THR A 188 4.09 10.82 -41.64
CA THR A 188 4.73 10.97 -42.94
C THR A 188 4.92 9.57 -43.53
N CYS A 189 4.49 9.38 -44.77
N CYS A 189 4.51 9.42 -44.79
CA CYS A 189 4.57 8.05 -45.36
CA CYS A 189 4.47 8.12 -45.46
C CYS A 189 5.43 8.07 -46.61
C CYS A 189 5.45 8.10 -46.62
N VAL A 190 6.13 6.96 -46.83
CA VAL A 190 6.89 6.74 -48.05
C VAL A 190 5.89 6.19 -49.06
N GLU A 191 5.77 6.88 -50.20
CA GLU A 191 4.85 6.41 -51.25
C GLU A 191 5.56 6.03 -52.55
N ASP A 192 6.88 6.18 -52.61
CA ASP A 192 7.67 5.71 -53.75
C ASP A 192 9.15 5.77 -53.42
N LEU A 193 9.97 5.24 -54.32
CA LEU A 193 11.41 5.26 -54.18
C LEU A 193 12.02 6.22 -55.20
N VAL A 194 13.10 6.87 -54.79
CA VAL A 194 13.96 7.60 -55.70
C VAL A 194 14.97 6.59 -56.21
N THR A 195 15.20 6.60 -57.52
CA THR A 195 16.05 5.59 -58.14
C THR A 195 17.06 6.23 -59.10
N ARG A 196 18.03 5.40 -59.49
CA ARG A 196 18.95 5.73 -60.56
C ARG A 196 18.95 4.54 -61.51
N PRO A 197 19.41 4.72 -62.76
CA PRO A 197 19.27 3.63 -63.72
C PRO A 197 20.03 2.37 -63.34
N PRO A 198 19.66 1.22 -63.95
CA PRO A 198 20.28 -0.07 -63.65
C PRO A 198 21.82 -0.06 -63.67
N THR A 199 22.40 -0.97 -62.90
CA THR A 199 23.83 -1.24 -62.94
C THR A 199 24.02 -2.76 -62.92
N GLU A 200 25.29 -3.17 -62.85
CA GLU A 200 25.64 -4.58 -62.61
C GLU A 200 25.02 -5.15 -61.33
N LYS A 201 24.72 -4.31 -60.35
CA LYS A 201 24.11 -4.74 -59.08
C LYS A 201 22.63 -5.12 -59.20
N GLY A 202 21.97 -4.68 -60.27
CA GLY A 202 20.57 -5.04 -60.51
C GLY A 202 19.79 -3.99 -61.29
N GLU A 203 18.49 -4.24 -61.46
CA GLU A 203 17.58 -3.35 -62.18
C GLU A 203 17.25 -2.10 -61.38
N VAL A 204 17.01 -2.29 -60.07
CA VAL A 204 16.62 -1.21 -59.17
C VAL A 204 17.83 -0.71 -58.39
N THR A 205 18.04 0.61 -58.43
CA THR A 205 19.13 1.25 -57.69
C THR A 205 18.54 2.40 -56.87
N VAL A 206 18.50 2.26 -55.54
CA VAL A 206 17.82 3.25 -54.70
C VAL A 206 18.70 4.46 -54.39
N ALA A 207 18.07 5.65 -54.37
CA ALA A 207 18.76 6.91 -54.13
C ALA A 207 18.00 7.83 -53.17
N GLY A 208 16.95 7.31 -52.54
CA GLY A 208 16.12 8.08 -51.61
C GLY A 208 14.70 7.59 -51.59
N VAL A 209 13.84 8.33 -50.89
CA VAL A 209 12.42 8.00 -50.81
C VAL A 209 11.56 9.19 -51.18
N VAL A 210 10.33 8.90 -51.62
CA VAL A 210 9.35 9.89 -51.99
C VAL A 210 8.33 9.92 -50.87
N THR A 211 8.09 11.10 -50.33
CA THR A 211 7.34 11.26 -49.09
C THR A 211 6.14 12.19 -49.22
N ASN A 212 5.18 12.01 -48.31
CA ASN A 212 4.09 12.96 -48.18
C ASN A 212 3.48 12.80 -46.80
N TRP A 213 2.65 13.76 -46.40
CA TRP A 213 1.86 13.57 -45.20
C TRP A 213 0.97 12.37 -45.46
N THR A 214 0.92 11.44 -44.52
CA THR A 214 0.12 10.23 -44.68
C THR A 214 -1.31 10.53 -45.10
N LEU A 215 -1.92 11.54 -44.45
CA LEU A 215 -3.29 11.91 -44.77
C LEU A 215 -3.47 12.33 -46.24
N VAL A 216 -2.41 12.89 -46.83
CA VAL A 216 -2.42 13.24 -48.26
C VAL A 216 -2.36 11.98 -49.12
N THR A 217 -1.43 11.09 -48.79
CA THR A 217 -1.30 9.80 -49.47
C THR A 217 -2.62 9.03 -49.46
N GLN A 218 -3.32 9.05 -48.33
CA GLN A 218 -4.59 8.34 -48.19
C GLN A 218 -5.73 9.02 -48.96
N ALA A 219 -5.48 10.21 -49.51
CA ALA A 219 -6.45 10.92 -50.33
C ALA A 219 -6.10 10.97 -51.84
N HIS A 220 -5.04 10.29 -52.27
CA HIS A 220 -4.60 10.34 -53.66
C HIS A 220 -5.62 9.79 -54.61
N GLY A 221 -6.45 8.87 -54.13
CA GLY A 221 -7.48 8.27 -54.94
C GLY A 221 -8.64 9.21 -55.20
N THR A 222 -8.69 10.31 -54.47
CA THR A 222 -9.75 11.29 -54.61
C THR A 222 -9.32 12.42 -55.54
N CYS A 224 -8.14 17.95 -56.05
CA CYS A 224 -6.99 18.26 -56.89
C CYS A 224 -5.73 17.57 -56.35
N SER A 225 -4.97 16.92 -57.23
CA SER A 225 -3.81 16.10 -56.87
CA SER A 225 -3.84 16.10 -56.83
C SER A 225 -2.76 16.87 -56.07
N MET A 226 -2.03 16.15 -55.21
CA MET A 226 -1.07 16.75 -54.28
C MET A 226 0.30 16.07 -54.36
N ASP A 227 1.29 16.79 -54.90
CA ASP A 227 2.64 16.24 -55.09
C ASP A 227 3.36 15.85 -53.80
N PRO A 228 4.34 14.94 -53.90
CA PRO A 228 5.14 14.52 -52.77
C PRO A 228 6.37 15.39 -52.55
N ASN A 229 7.09 15.12 -51.47
CA ASN A 229 8.42 15.66 -51.26
C ASN A 229 9.41 14.50 -51.51
N VAL A 230 10.69 14.77 -51.29
N VAL A 230 10.69 14.76 -51.31
CA VAL A 230 11.75 13.78 -51.48
CA VAL A 230 11.72 13.75 -51.47
C VAL A 230 12.75 13.87 -50.34
C VAL A 230 12.75 13.86 -50.36
N ILE A 231 13.26 12.72 -49.92
CA ILE A 231 14.42 12.65 -49.02
C ILE A 231 15.46 11.83 -49.78
N GLU A 232 16.65 12.41 -49.94
CA GLU A 232 17.70 11.81 -50.76
C GLU A 232 18.73 11.07 -49.91
N LEU A 233 19.29 9.99 -50.45
CA LEU A 233 20.38 9.28 -49.77
C LEU A 233 21.71 9.96 -50.07
N ALA A 234 22.62 9.94 -49.11
CA ALA A 234 23.97 10.44 -49.33
C ALA A 234 24.60 9.74 -50.53
N GLY A 235 25.40 10.48 -51.29
CA GLY A 235 26.21 9.89 -52.36
C GLY A 235 26.17 10.53 -53.73
N TYR A 236 25.40 11.62 -53.89
CA TYR A 236 25.23 12.25 -55.20
C TYR A 236 25.71 13.70 -55.19
N LYS A 237 26.07 14.17 -56.38
CA LYS A 237 26.54 15.54 -56.59
C LYS A 237 25.37 16.44 -56.94
N ASN A 238 25.64 17.73 -57.11
CA ASN A 238 24.58 18.70 -57.45
C ASN A 238 24.00 18.57 -58.86
N ASP A 239 24.62 17.76 -59.71
CA ASP A 239 24.01 17.43 -61.00
C ASP A 239 23.20 16.12 -60.98
N GLY A 240 23.05 15.54 -59.79
CA GLY A 240 22.27 14.32 -59.59
C GLY A 240 23.01 13.02 -59.85
N THR A 241 24.28 13.10 -60.25
CA THR A 241 25.06 11.90 -60.54
C THR A 241 25.87 11.46 -59.33
N ARG A 242 26.29 10.20 -59.36
CA ARG A 242 27.02 9.58 -58.28
C ARG A 242 28.39 10.23 -58.05
N ASP A 243 28.73 10.42 -56.78
CA ASP A 243 30.07 10.84 -56.38
C ASP A 243 30.74 9.65 -55.70
N LEU A 244 31.64 8.98 -56.41
CA LEU A 244 32.26 7.74 -55.90
C LEU A 244 33.24 7.98 -54.74
N SER A 245 33.62 9.24 -54.50
CA SER A 245 34.41 9.57 -53.32
C SER A 245 33.58 9.52 -52.03
N GLN A 246 32.25 9.55 -52.16
CA GLN A 246 31.35 9.54 -51.01
C GLN A 246 30.67 8.19 -50.80
N LYS A 247 30.56 7.82 -49.52
CA LYS A 247 29.76 6.66 -49.12
C LYS A 247 28.31 6.84 -49.51
N HIS A 248 27.74 5.83 -50.17
CA HIS A 248 26.32 5.86 -50.52
C HIS A 248 25.48 5.62 -49.26
N GLY A 249 24.41 6.39 -49.10
CA GLY A 249 23.45 6.15 -48.02
C GLY A 249 22.66 4.88 -48.26
N VAL A 250 21.89 4.45 -47.26
CA VAL A 250 21.10 3.23 -47.39
C VAL A 250 19.65 3.40 -46.91
N ILE A 251 18.77 2.60 -47.49
CA ILE A 251 17.39 2.46 -46.99
C ILE A 251 17.27 1.16 -46.23
N LEU A 252 16.72 1.23 -45.03
CA LEU A 252 16.25 0.05 -44.31
C LEU A 252 14.74 0.11 -44.25
N SER A 253 14.07 -0.82 -44.94
CA SER A 253 12.62 -0.86 -44.90
C SER A 253 12.14 -1.88 -43.88
N THR A 254 11.31 -1.39 -42.95
CA THR A 254 10.75 -2.18 -41.87
C THR A 254 9.27 -1.80 -41.70
N THR A 255 8.50 -2.03 -42.76
CA THR A 255 7.09 -1.61 -42.79
C THR A 255 6.12 -2.74 -42.49
N GLY A 256 6.61 -3.84 -41.95
CA GLY A 256 5.76 -4.96 -41.53
C GLY A 256 5.11 -5.68 -42.69
N HIS A 257 4.01 -6.37 -42.38
CA HIS A 257 3.24 -7.13 -43.38
C HIS A 257 1.79 -6.64 -43.50
N ASP A 258 1.35 -5.84 -42.54
CA ASP A 258 -0.06 -5.59 -42.27
C ASP A 258 -0.40 -4.12 -42.52
N GLY A 259 -1.68 -3.77 -42.37
CA GLY A 259 -2.07 -2.35 -42.37
C GLY A 259 -2.14 -1.71 -43.75
N PRO A 260 -2.42 -0.39 -43.79
CA PRO A 260 -2.66 0.32 -45.06
C PRO A 260 -1.48 0.28 -46.03
N PHE A 261 -0.26 0.30 -45.50
CA PHE A 261 0.95 0.38 -46.33
C PHE A 261 1.94 -0.75 -46.04
N GLY A 262 1.46 -1.88 -45.52
CA GLY A 262 2.33 -2.99 -45.15
C GLY A 262 3.25 -3.47 -46.26
N ALA A 263 4.49 -3.81 -45.91
CA ALA A 263 5.50 -4.30 -46.85
C ALA A 263 5.66 -3.37 -48.06
N PHE A 264 5.73 -2.07 -47.82
CA PHE A 264 5.71 -1.12 -48.92
C PHE A 264 6.88 -1.25 -49.89
N CYS A 265 8.10 -1.23 -49.37
CA CYS A 265 9.28 -1.21 -50.23
C CYS A 265 9.49 -2.54 -50.93
N ALA A 266 9.13 -3.65 -50.26
CA ALA A 266 9.19 -4.97 -50.88
C ALA A 266 8.34 -5.01 -52.14
N LYS A 267 7.10 -4.53 -52.02
CA LYS A 267 6.17 -4.50 -53.15
C LYS A 267 6.63 -3.55 -54.25
N ARG A 268 7.19 -2.40 -53.87
CA ARG A 268 7.62 -1.43 -54.87
C ARG A 268 8.83 -1.95 -55.66
N ILE A 269 9.76 -2.57 -54.97
CA ILE A 269 10.94 -3.17 -55.60
C ILE A 269 10.55 -4.30 -56.55
N VAL A 270 9.61 -5.14 -56.13
CA VAL A 270 9.07 -6.21 -56.96
C VAL A 270 8.33 -5.63 -58.17
N ASP A 271 7.61 -4.54 -57.95
CA ASP A 271 6.80 -3.91 -59.00
C ASP A 271 7.66 -3.25 -60.08
N ILE A 272 8.84 -2.76 -59.68
CA ILE A 272 9.77 -2.12 -60.61
C ILE A 272 10.62 -3.15 -61.36
N ASP A 273 11.08 -4.17 -60.64
CA ASP A 273 11.91 -5.23 -61.22
C ASP A 273 11.17 -6.57 -61.25
N GLN A 274 10.79 -7.02 -62.45
CA GLN A 274 10.06 -8.27 -62.60
C GLN A 274 10.97 -9.50 -62.63
N ASN A 275 12.27 -9.30 -62.45
CA ASN A 275 13.19 -10.41 -62.17
C ASN A 275 13.00 -10.93 -60.73
N GLN A 276 12.25 -10.18 -59.92
CA GLN A 276 11.95 -10.53 -58.53
C GLN A 276 10.45 -10.61 -58.28
N LYS A 277 10.06 -11.41 -57.29
CA LYS A 277 8.65 -11.58 -56.95
C LYS A 277 8.42 -11.61 -55.43
N LEU A 278 7.23 -11.20 -55.00
CA LEU A 278 6.82 -11.31 -53.61
C LEU A 278 6.62 -12.77 -53.24
N GLY A 279 7.44 -13.28 -52.33
CA GLY A 279 7.29 -14.63 -51.82
C GLY A 279 5.92 -14.87 -51.20
N GLY A 280 5.46 -13.93 -50.40
CA GLY A 280 4.18 -14.06 -49.72
C GLY A 280 4.33 -14.77 -48.38
N MET A 281 3.89 -14.12 -47.32
CA MET A 281 3.99 -14.64 -45.97
C MET A 281 3.21 -15.96 -45.87
N LYS A 282 3.86 -16.99 -45.34
CA LYS A 282 3.24 -18.32 -45.22
C LYS A 282 2.58 -18.49 -43.86
N GLY A 283 2.26 -19.74 -43.49
CA GLY A 283 1.56 -20.02 -42.25
C GLY A 283 2.41 -19.77 -41.03
N LEU A 284 1.77 -19.82 -39.86
CA LEU A 284 2.44 -19.57 -38.60
C LEU A 284 3.26 -20.79 -38.16
N ASP A 285 4.54 -20.55 -37.89
CA ASP A 285 5.46 -21.60 -37.45
C ASP A 285 6.57 -20.86 -36.71
N MET A 286 6.48 -20.82 -35.38
CA MET A 286 7.35 -19.95 -34.59
C MET A 286 8.84 -20.32 -34.70
N ASN A 287 9.14 -21.62 -34.65
CA ASN A 287 10.52 -22.06 -34.77
C ASN A 287 11.14 -21.61 -36.09
N HIS A 288 10.47 -21.90 -37.20
CA HIS A 288 11.03 -21.60 -38.51
C HIS A 288 10.92 -20.13 -38.86
N ALA A 289 9.81 -19.48 -38.47
CA ALA A 289 9.60 -18.08 -38.82
C ALA A 289 10.62 -17.16 -38.17
N GLU A 290 10.82 -17.31 -36.86
CA GLU A 290 11.72 -16.41 -36.14
C GLU A 290 13.16 -16.64 -36.58
N HIS A 291 13.54 -17.90 -36.74
CA HIS A 291 14.86 -18.20 -37.26
C HIS A 291 15.10 -17.54 -38.62
N ASP A 292 14.19 -17.77 -39.57
CA ASP A 292 14.38 -17.31 -40.94
C ASP A 292 14.34 -15.79 -41.06
N VAL A 293 13.40 -15.14 -40.37
CA VAL A 293 13.33 -13.68 -40.41
C VAL A 293 14.65 -13.05 -39.93
N VAL A 294 15.22 -13.57 -38.84
CA VAL A 294 16.50 -13.04 -38.33
C VAL A 294 17.61 -13.25 -39.37
N ILE A 295 17.73 -14.47 -39.88
CA ILE A 295 18.81 -14.81 -40.83
C ILE A 295 18.68 -14.07 -42.16
N HIS A 296 17.45 -13.95 -42.66
CA HIS A 296 17.19 -13.31 -43.96
C HIS A 296 17.21 -11.79 -43.92
N SER A 297 17.16 -11.20 -42.73
CA SER A 297 17.21 -9.73 -42.61
C SER A 297 18.59 -9.20 -42.99
N GLY A 298 18.62 -7.96 -43.46
CA GLY A 298 19.85 -7.33 -43.91
C GLY A 298 19.78 -6.97 -45.38
N ALA A 299 20.94 -7.01 -46.04
CA ALA A 299 21.06 -6.58 -47.43
C ALA A 299 20.19 -7.41 -48.37
N TYR A 300 19.44 -6.74 -49.21
CA TYR A 300 18.61 -7.40 -50.21
C TYR A 300 19.45 -7.71 -51.45
N ALA A 301 19.42 -8.97 -51.89
CA ALA A 301 20.32 -9.48 -52.91
C ALA A 301 20.26 -8.74 -54.24
N GLY A 302 19.07 -8.42 -54.71
CA GLY A 302 18.89 -7.82 -56.03
C GLY A 302 19.03 -6.31 -56.17
N VAL A 303 19.10 -5.59 -55.06
CA VAL A 303 19.16 -4.12 -55.08
C VAL A 303 20.24 -3.62 -54.14
N ASP A 304 21.04 -2.67 -54.64
CA ASP A 304 22.16 -2.11 -53.90
C ASP A 304 21.65 -1.10 -52.87
N ASN A 305 22.32 -1.02 -51.72
CA ASN A 305 22.04 -0.02 -50.69
C ASN A 305 20.63 -0.11 -50.11
N MET A 306 20.08 -1.34 -50.13
CA MET A 306 18.71 -1.61 -49.72
C MET A 306 18.73 -2.74 -48.69
N TYR A 307 18.08 -2.49 -47.56
CA TYR A 307 18.06 -3.44 -46.44
C TYR A 307 16.63 -3.65 -45.94
N PHE A 308 16.36 -4.84 -45.41
CA PHE A 308 15.05 -5.15 -44.83
C PHE A 308 15.22 -5.76 -43.46
N ALA A 309 14.23 -5.53 -42.59
CA ALA A 309 14.10 -6.28 -41.35
C ALA A 309 12.64 -6.44 -40.95
N GLY A 310 12.40 -7.26 -39.92
CA GLY A 310 11.06 -7.51 -39.43
C GLY A 310 10.18 -8.30 -40.39
N MET A 311 8.88 -8.15 -40.24
CA MET A 311 7.93 -8.97 -40.99
C MET A 311 7.90 -8.67 -42.49
N GLU A 312 8.39 -7.49 -42.90
CA GLU A 312 8.52 -7.21 -44.35
C GLU A 312 9.42 -8.24 -45.03
N VAL A 313 10.43 -8.73 -44.31
CA VAL A 313 11.32 -9.79 -44.83
C VAL A 313 10.55 -11.08 -45.12
N ALA A 314 9.60 -11.41 -44.24
CA ALA A 314 8.77 -12.60 -44.40
C ALA A 314 7.88 -12.51 -45.63
N GLU A 315 7.35 -11.32 -45.88
CA GLU A 315 6.54 -11.10 -47.08
C GLU A 315 7.38 -11.23 -48.34
N LEU A 316 8.56 -10.61 -48.32
CA LEU A 316 9.45 -10.59 -49.49
C LEU A 316 10.05 -11.95 -49.85
N ASP A 317 10.53 -12.68 -48.84
CA ASP A 317 11.21 -13.96 -49.06
C ASP A 317 10.30 -15.18 -48.90
N GLY A 318 9.03 -14.94 -48.60
CA GLY A 318 8.06 -16.02 -48.47
C GLY A 318 8.33 -16.91 -47.29
N LEU A 319 8.52 -16.30 -46.11
CA LEU A 319 8.80 -17.04 -44.90
C LEU A 319 7.53 -17.23 -44.08
N ASN A 320 7.62 -18.10 -43.07
CA ASN A 320 6.54 -18.29 -42.12
C ASN A 320 6.38 -17.05 -41.25
N ARG A 321 5.25 -16.94 -40.58
CA ARG A 321 5.01 -15.91 -39.59
C ARG A 321 5.11 -16.53 -38.20
N MET A 322 5.22 -15.70 -37.16
CA MET A 322 5.38 -16.20 -35.78
C MET A 322 4.27 -15.78 -34.80
N GLY A 323 3.37 -14.89 -35.21
CA GLY A 323 2.32 -14.43 -34.31
C GLY A 323 2.86 -13.59 -33.16
N PRO A 324 2.25 -13.74 -31.96
CA PRO A 324 2.51 -12.81 -30.85
C PRO A 324 3.81 -13.10 -30.06
N THR A 325 4.93 -13.13 -30.76
CA THR A 325 6.24 -13.24 -30.12
C THR A 325 7.18 -12.32 -30.89
N PHE A 326 8.10 -11.68 -30.18
CA PHE A 326 8.76 -10.47 -30.69
C PHE A 326 10.30 -10.50 -30.71
N GLY A 327 10.90 -11.62 -30.34
CA GLY A 327 12.36 -11.73 -30.33
C GLY A 327 12.99 -11.53 -31.68
N ALA A 328 12.38 -12.10 -32.72
CA ALA A 328 12.91 -11.96 -34.07
C ALA A 328 12.82 -10.54 -34.61
N MET A 329 11.82 -9.77 -34.18
CA MET A 329 11.71 -8.37 -34.60
C MET A 329 12.90 -7.55 -34.12
N ALA A 330 13.19 -7.65 -32.82
CA ALA A 330 14.34 -6.94 -32.23
C ALA A 330 15.66 -7.42 -32.84
N LEU A 331 15.84 -8.74 -32.91
CA LEU A 331 17.12 -9.31 -33.36
C LEU A 331 17.33 -9.23 -34.86
N SER A 332 16.27 -9.22 -35.66
CA SER A 332 16.42 -8.98 -37.09
C SER A 332 16.86 -7.54 -37.32
N GLY A 333 16.38 -6.62 -36.48
CA GLY A 333 16.85 -5.23 -36.50
C GLY A 333 18.32 -5.10 -36.15
N VAL A 334 18.76 -5.87 -35.15
CA VAL A 334 20.16 -5.92 -34.75
C VAL A 334 21.02 -6.44 -35.91
N HIS A 335 20.57 -7.52 -36.54
CA HIS A 335 21.29 -8.11 -37.67
C HIS A 335 21.43 -7.13 -38.83
N ALA A 336 20.32 -6.49 -39.22
CA ALA A 336 20.34 -5.47 -40.27
C ALA A 336 21.27 -4.30 -39.90
N ALA A 337 21.18 -3.86 -38.64
CA ALA A 337 22.03 -2.78 -38.15
C ALA A 337 23.52 -3.11 -38.27
N GLU A 338 23.89 -4.35 -37.93
CA GLU A 338 25.29 -4.79 -38.05
C GLU A 338 25.79 -4.64 -39.49
N GLN A 339 25.00 -5.14 -40.45
CA GLN A 339 25.38 -5.07 -41.86
C GLN A 339 25.49 -3.62 -42.34
N ILE A 340 24.56 -2.78 -41.90
CA ILE A 340 24.57 -1.37 -42.25
C ILE A 340 25.79 -0.66 -41.66
N LEU A 341 26.12 -0.95 -40.41
CA LEU A 341 27.32 -0.37 -39.80
C LEU A 341 28.60 -0.79 -40.53
N LYS A 342 28.66 -2.06 -40.95
CA LYS A 342 29.79 -2.54 -41.73
C LYS A 342 29.93 -1.83 -43.07
N HIS A 343 28.81 -1.53 -43.71
CA HIS A 343 28.80 -0.73 -44.93
C HIS A 343 29.46 0.64 -44.71
N PHE A 344 29.13 1.30 -43.61
CA PHE A 344 29.68 2.62 -43.31
C PHE A 344 31.09 2.60 -42.70
N ALA A 345 31.55 1.42 -42.26
CA ALA A 345 32.87 1.28 -41.67
C ALA A 345 33.94 1.32 -42.77
N VAL B 42 32.28 -3.12 -34.98
CA VAL B 42 30.82 -2.94 -34.67
C VAL B 42 30.40 -3.91 -33.57
N THR B 43 29.65 -3.41 -32.58
CA THR B 43 29.30 -4.22 -31.41
C THR B 43 27.82 -4.11 -31.06
N HIS B 44 27.22 -5.25 -30.74
CA HIS B 44 25.83 -5.31 -30.34
C HIS B 44 25.62 -6.42 -29.31
N CYS B 45 24.38 -6.55 -28.82
CA CYS B 45 24.04 -7.47 -27.73
C CYS B 45 24.38 -8.95 -27.99
N LEU B 46 24.49 -9.33 -29.26
CA LEU B 46 24.81 -10.70 -29.64
C LEU B 46 26.25 -10.92 -30.14
N SER B 47 27.10 -9.90 -30.05
CA SER B 47 28.47 -10.00 -30.59
C SER B 47 29.28 -11.16 -30.01
N ASP B 48 29.01 -11.53 -28.77
CA ASP B 48 29.70 -12.64 -28.10
C ASP B 48 29.03 -14.00 -28.32
N ILE B 49 27.79 -13.98 -28.83
CA ILE B 49 27.00 -15.20 -29.03
C ILE B 49 26.98 -15.61 -30.51
N VAL B 50 26.91 -14.63 -31.41
CA VAL B 50 26.94 -14.89 -32.85
C VAL B 50 28.33 -14.53 -33.35
N LYS B 51 29.04 -15.53 -33.88
CA LYS B 51 30.41 -15.35 -34.37
C LYS B 51 30.56 -15.44 -35.89
N LYS B 52 29.54 -15.95 -36.57
CA LYS B 52 29.57 -16.03 -38.03
C LYS B 52 29.08 -14.72 -38.64
N GLU B 53 29.77 -14.25 -39.67
CA GLU B 53 29.37 -13.02 -40.37
C GLU B 53 27.98 -13.13 -40.97
N ASP B 54 27.64 -14.31 -41.48
CA ASP B 54 26.32 -14.55 -42.07
C ASP B 54 25.26 -14.95 -41.03
N TRP B 55 25.63 -14.91 -39.74
CA TRP B 55 24.73 -15.27 -38.64
C TRP B 55 24.27 -16.72 -38.71
N SER B 56 25.04 -17.58 -39.39
CA SER B 56 24.67 -18.99 -39.54
C SER B 56 24.65 -19.74 -38.21
N ASP B 57 25.41 -19.26 -37.23
CA ASP B 57 25.42 -19.87 -35.89
C ASP B 57 24.33 -19.30 -34.96
N PHE B 58 23.50 -18.38 -35.45
CA PHE B 58 22.41 -17.84 -34.64
C PHE B 58 21.31 -18.88 -34.44
N LYS B 59 20.75 -18.92 -33.23
CA LYS B 59 19.57 -19.74 -32.99
C LYS B 59 18.77 -19.25 -31.79
N PHE B 60 17.45 -19.42 -31.86
CA PHE B 60 16.57 -19.26 -30.71
C PHE B 60 16.41 -20.63 -30.06
N ALA B 61 16.14 -20.65 -28.76
CA ALA B 61 15.68 -21.87 -28.11
C ALA B 61 14.32 -22.25 -28.71
N PRO B 62 14.10 -23.54 -29.04
CA PRO B 62 12.83 -23.96 -29.64
C PRO B 62 11.63 -23.65 -28.75
N ILE B 63 10.47 -23.46 -29.37
CA ILE B 63 9.25 -23.11 -28.63
C ILE B 63 8.03 -23.82 -29.20
N ARG B 64 7.03 -24.03 -28.35
CA ARG B 64 5.72 -24.51 -28.75
C ARG B 64 4.73 -23.35 -28.73
N GLU B 65 3.91 -23.25 -29.76
CA GLU B 65 3.02 -22.09 -29.93
C GLU B 65 2.10 -21.83 -28.72
N SER B 66 1.56 -22.90 -28.14
CA SER B 66 0.68 -22.78 -26.97
C SER B 66 1.38 -22.22 -25.74
N THR B 67 2.69 -22.45 -25.61
CA THR B 67 3.47 -21.88 -24.51
C THR B 67 3.37 -20.35 -24.55
N VAL B 68 3.47 -19.80 -25.75
CA VAL B 68 3.38 -18.35 -25.93
C VAL B 68 1.97 -17.83 -25.64
N SER B 69 0.95 -18.52 -26.17
CA SER B 69 -0.44 -18.14 -25.94
C SER B 69 -0.76 -18.10 -24.45
N ARG B 70 -0.45 -19.20 -23.75
CA ARG B 70 -0.72 -19.30 -22.32
C ARG B 70 0.04 -18.27 -21.48
N ALA B 71 1.27 -17.95 -21.87
CA ALA B 71 2.05 -16.95 -21.14
C ALA B 71 1.36 -15.58 -21.20
N MET B 72 0.78 -15.25 -22.36
CA MET B 72 0.08 -13.98 -22.54
C MET B 72 -1.25 -13.94 -21.84
N THR B 73 -2.04 -14.99 -22.03
CA THR B 73 -3.41 -15.00 -21.55
C THR B 73 -3.48 -15.14 -20.03
N SER B 74 -2.61 -15.97 -19.45
CA SER B 74 -2.55 -16.11 -17.99
C SER B 74 -2.29 -14.76 -17.33
N ARG B 75 -1.34 -14.00 -17.87
CA ARG B 75 -0.98 -12.70 -17.33
C ARG B 75 -2.12 -11.69 -17.48
N TYR B 76 -2.81 -11.71 -18.62
CA TYR B 76 -3.92 -10.77 -18.81
C TYR B 76 -5.07 -11.06 -17.84
N PHE B 77 -5.41 -12.33 -17.64
CA PHE B 77 -6.45 -12.64 -16.64
C PHE B 77 -6.04 -12.23 -15.24
N LYS B 78 -4.78 -12.47 -14.89
CA LYS B 78 -4.28 -12.03 -13.58
C LYS B 78 -4.48 -10.52 -13.41
N ASP B 79 -4.23 -9.75 -14.47
CA ASP B 79 -4.45 -8.31 -14.46
C ASP B 79 -5.93 -7.99 -14.27
N LEU B 80 -6.79 -8.61 -15.07
CA LEU B 80 -8.22 -8.39 -14.96
C LEU B 80 -8.73 -8.71 -13.55
N ASP B 81 -8.22 -9.80 -12.97
CA ASP B 81 -8.59 -10.21 -11.62
C ASP B 81 -8.10 -9.21 -10.56
N LYS B 82 -6.82 -8.87 -10.61
CA LYS B 82 -6.21 -7.94 -9.64
C LYS B 82 -6.86 -6.55 -9.69
N PHE B 83 -7.05 -6.01 -10.89
CA PHE B 83 -7.53 -4.64 -11.04
C PHE B 83 -9.06 -4.50 -11.18
N ALA B 84 -9.79 -5.62 -11.01
CA ALA B 84 -11.25 -5.58 -11.02
C ALA B 84 -11.78 -4.65 -9.94
N VAL B 85 -11.00 -4.51 -8.86
CA VAL B 85 -11.18 -3.43 -7.88
C VAL B 85 -9.90 -2.61 -7.89
N SER B 86 -10.02 -1.32 -8.21
CA SER B 86 -8.87 -0.42 -8.29
C SER B 86 -9.00 0.76 -7.35
N ASP B 87 -7.87 1.30 -6.94
CA ASP B 87 -7.83 2.46 -6.06
C ASP B 87 -7.96 3.75 -6.87
N VAL B 88 -7.24 3.81 -7.99
CA VAL B 88 -7.30 4.94 -8.90
C VAL B 88 -7.54 4.41 -10.32
N ILE B 89 -8.60 4.90 -10.96
CA ILE B 89 -8.87 4.62 -12.35
C ILE B 89 -8.62 5.90 -13.13
N ILE B 90 -7.66 5.85 -14.04
CA ILE B 90 -7.37 6.97 -14.91
C ILE B 90 -7.93 6.67 -16.29
N VAL B 91 -8.86 7.52 -16.75
CA VAL B 91 -9.46 7.36 -18.07
C VAL B 91 -8.75 8.28 -19.07
N GLY B 92 -8.00 7.67 -19.98
CA GLY B 92 -7.26 8.40 -21.01
C GLY B 92 -5.77 8.55 -20.70
N ALA B 93 -4.93 7.88 -21.49
CA ALA B 93 -3.49 7.92 -21.29
C ALA B 93 -2.82 8.90 -22.26
N GLY B 94 -3.26 10.16 -22.20
CA GLY B 94 -2.60 11.25 -22.90
C GLY B 94 -1.62 11.94 -21.96
N SER B 95 -1.16 13.13 -22.35
CA SER B 95 -0.16 13.86 -21.56
C SER B 95 -0.61 14.12 -20.14
N SER B 96 -1.87 14.51 -19.95
CA SER B 96 -2.36 14.85 -18.61
C SER B 96 -2.53 13.62 -17.75
N GLY B 97 -3.17 12.58 -18.29
CA GLY B 97 -3.38 11.33 -17.57
C GLY B 97 -2.10 10.61 -17.18
N LEU B 98 -1.13 10.59 -18.09
CA LEU B 98 0.15 9.93 -17.82
C LEU B 98 0.98 10.74 -16.84
N SER B 99 0.96 12.07 -16.97
CA SER B 99 1.65 12.93 -16.02
C SER B 99 1.13 12.68 -14.60
N ALA B 100 -0.20 12.62 -14.47
CA ALA B 100 -0.84 12.37 -13.18
C ALA B 100 -0.53 10.97 -12.69
N ALA B 101 -0.57 9.98 -13.58
CA ALA B 101 -0.26 8.59 -13.20
C ALA B 101 1.14 8.45 -12.59
N TYR B 102 2.11 9.15 -13.19
CA TYR B 102 3.49 9.10 -12.71
C TYR B 102 3.59 9.62 -11.28
N VAL B 103 2.99 10.80 -11.04
CA VAL B 103 3.08 11.45 -9.72
C VAL B 103 2.37 10.61 -8.66
N ILE B 104 1.18 10.11 -8.99
CA ILE B 104 0.40 9.30 -8.07
C ILE B 104 1.15 8.01 -7.72
N ALA B 105 1.52 7.23 -8.73
CA ALA B 105 2.13 5.91 -8.50
C ALA B 105 3.52 6.01 -7.87
N LYS B 106 4.30 7.01 -8.29
CA LYS B 106 5.62 7.24 -7.72
C LYS B 106 5.53 7.54 -6.21
N ASN B 107 4.57 8.36 -5.82
CA ASN B 107 4.37 8.69 -4.40
C ASN B 107 3.69 7.57 -3.61
N ARG B 108 2.79 6.83 -4.24
CA ARG B 108 2.07 5.74 -3.55
C ARG B 108 2.12 4.46 -4.38
N PRO B 109 3.27 3.77 -4.37
CA PRO B 109 3.47 2.54 -5.15
C PRO B 109 2.56 1.38 -4.72
N ASP B 110 1.96 1.50 -3.54
CA ASP B 110 1.03 0.51 -3.03
C ASP B 110 -0.38 0.57 -3.65
N LEU B 111 -0.74 1.69 -4.26
CA LEU B 111 -2.09 1.87 -4.81
C LEU B 111 -2.23 1.23 -6.18
N LYS B 112 -3.35 0.56 -6.42
CA LYS B 112 -3.64 -0.02 -7.73
C LYS B 112 -4.13 1.09 -8.66
N VAL B 113 -3.30 1.42 -9.64
CA VAL B 113 -3.60 2.49 -10.57
C VAL B 113 -3.90 1.86 -11.93
N CYS B 114 -5.17 1.96 -12.32
CA CYS B 114 -5.68 1.31 -13.51
C CYS B 114 -5.87 2.38 -14.58
N ILE B 115 -5.11 2.28 -15.68
CA ILE B 115 -5.19 3.26 -16.75
C ILE B 115 -5.93 2.65 -17.94
N ILE B 116 -7.03 3.28 -18.33
CA ILE B 116 -7.86 2.81 -19.43
C ILE B 116 -7.65 3.73 -20.64
N GLU B 117 -7.19 3.15 -21.74
CA GLU B 117 -6.85 3.88 -22.96
C GLU B 117 -7.52 3.26 -24.17
N SER B 118 -8.38 4.02 -24.84
CA SER B 118 -9.18 3.51 -25.95
C SER B 118 -8.35 3.15 -27.19
N SER B 119 -7.31 3.91 -27.48
CA SER B 119 -6.49 3.62 -28.64
C SER B 119 -5.52 2.48 -28.36
N VAL B 120 -5.01 1.87 -29.42
CA VAL B 120 -3.96 0.86 -29.31
C VAL B 120 -2.70 1.53 -28.78
N ALA B 121 -2.28 2.61 -29.43
CA ALA B 121 -1.15 3.40 -28.97
C ALA B 121 -1.62 4.41 -27.93
N PRO B 122 -1.03 4.39 -26.73
CA PRO B 122 -1.33 5.47 -25.79
C PRO B 122 -0.62 6.75 -26.21
N GLY B 123 -0.83 7.82 -25.46
CA GLY B 123 -0.11 9.06 -25.67
C GLY B 123 -0.98 10.17 -26.18
N GLY B 124 -2.19 9.82 -26.65
CA GLY B 124 -3.15 10.79 -27.13
C GLY B 124 -2.57 11.75 -28.15
N GLY B 125 -2.65 13.05 -27.85
CA GLY B 125 -2.26 14.10 -28.78
C GLY B 125 -0.84 14.62 -28.64
N SER B 126 0.00 13.87 -27.93
CA SER B 126 1.34 14.32 -27.61
C SER B 126 2.44 13.64 -28.43
N TRP B 127 2.10 13.01 -29.55
CA TRP B 127 3.10 12.43 -30.46
C TRP B 127 3.62 13.47 -31.47
N LEU B 128 2.92 14.60 -31.56
CA LEU B 128 3.26 15.68 -32.46
C LEU B 128 3.07 17.01 -31.76
N GLY B 129 3.75 18.03 -32.27
CA GLY B 129 3.39 19.41 -31.96
C GLY B 129 2.21 19.79 -32.84
N GLY B 130 2.20 21.03 -33.33
CA GLY B 130 1.09 21.53 -34.16
C GLY B 130 1.33 21.36 -35.65
N GLN B 131 0.23 21.19 -36.39
CA GLN B 131 0.24 21.10 -37.85
C GLN B 131 1.19 20.00 -38.36
N LEU B 132 1.22 18.89 -37.62
CA LEU B 132 2.07 17.73 -37.88
C LEU B 132 3.57 17.99 -37.70
N PHE B 133 3.94 19.14 -37.16
CA PHE B 133 5.33 19.43 -36.84
C PHE B 133 5.68 18.78 -35.49
N SER B 134 6.96 18.77 -35.12
CA SER B 134 7.46 17.87 -34.07
C SER B 134 7.65 18.47 -32.69
N ALA B 135 8.13 19.70 -32.64
CA ALA B 135 8.62 20.29 -31.40
C ALA B 135 7.50 20.53 -30.39
N MET B 136 7.81 20.21 -29.13
CA MET B 136 6.87 20.39 -28.02
C MET B 136 7.32 21.55 -27.12
N VAL B 137 6.57 22.64 -27.18
CA VAL B 137 6.84 23.82 -26.38
C VAL B 137 6.16 23.69 -25.03
N MET B 138 6.95 23.84 -23.96
CA MET B 138 6.43 23.84 -22.59
C MET B 138 6.90 25.09 -21.83
N ARG B 139 5.95 25.89 -21.36
CA ARG B 139 6.28 27.10 -20.63
C ARG B 139 6.71 26.77 -19.21
N LYS B 140 7.66 27.55 -18.68
CA LYS B 140 8.10 27.36 -17.31
C LYS B 140 6.97 27.73 -16.37
N PRO B 141 6.82 27.01 -15.25
CA PRO B 141 7.75 26.05 -14.67
C PRO B 141 7.54 24.58 -15.05
N ALA B 142 6.97 24.29 -16.22
CA ALA B 142 6.79 22.90 -16.63
C ALA B 142 8.11 22.15 -16.83
N HIS B 143 9.19 22.90 -17.09
CA HIS B 143 10.52 22.30 -17.26
C HIS B 143 10.98 21.52 -16.01
N LEU B 144 10.45 21.86 -14.84
CA LEU B 144 10.76 21.15 -13.60
C LEU B 144 10.23 19.72 -13.64
N PHE B 145 9.11 19.52 -14.35
CA PHE B 145 8.59 18.17 -14.57
C PHE B 145 9.54 17.39 -15.50
N LEU B 146 10.02 18.05 -16.55
CA LEU B 146 10.95 17.42 -17.50
C LEU B 146 12.25 17.01 -16.82
N GLN B 147 12.77 17.87 -15.94
CA GLN B 147 13.98 17.54 -15.17
C GLN B 147 13.75 16.30 -14.31
N GLU B 148 12.60 16.23 -13.66
CA GLU B 148 12.25 15.09 -12.82
C GLU B 148 12.24 13.77 -13.61
N LEU B 149 11.71 13.82 -14.84
CA LEU B 149 11.65 12.65 -15.71
C LEU B 149 12.93 12.48 -16.52
N GLU B 150 13.90 13.37 -16.33
CA GLU B 150 15.17 13.35 -17.05
C GLU B 150 14.95 13.43 -18.57
N ILE B 151 14.00 14.27 -18.97
CA ILE B 151 13.74 14.52 -20.38
C ILE B 151 14.53 15.74 -20.82
N PRO B 152 15.45 15.57 -21.78
CA PRO B 152 16.24 16.72 -22.21
C PRO B 152 15.38 17.73 -22.95
N TYR B 153 15.80 18.99 -22.89
CA TYR B 153 15.09 20.05 -23.58
C TYR B 153 16.02 21.17 -23.97
N GLU B 154 15.52 22.06 -24.81
CA GLU B 154 16.22 23.26 -25.21
C GLU B 154 15.62 24.44 -24.46
N ASP B 155 16.44 25.09 -23.65
CA ASP B 155 15.97 26.21 -22.84
C ASP B 155 15.88 27.48 -23.69
N GLU B 156 14.72 28.14 -23.67
CA GLU B 156 14.53 29.39 -24.43
C GLU B 156 14.05 30.54 -23.54
N GLY B 157 14.37 30.48 -22.25
CA GLY B 157 14.06 31.56 -21.32
C GLY B 157 12.77 31.29 -20.55
N ASP B 158 11.67 31.84 -21.03
CA ASP B 158 10.38 31.67 -20.38
C ASP B 158 9.69 30.36 -20.74
N TYR B 159 10.22 29.66 -21.75
CA TYR B 159 9.70 28.37 -22.14
C TYR B 159 10.86 27.47 -22.55
N VAL B 160 10.58 26.18 -22.62
CA VAL B 160 11.55 25.21 -23.13
C VAL B 160 10.94 24.41 -24.27
N VAL B 161 11.78 23.77 -25.05
CA VAL B 161 11.33 22.95 -26.17
C VAL B 161 11.95 21.56 -26.09
N VAL B 162 11.08 20.54 -26.07
CA VAL B 162 11.51 19.17 -26.24
C VAL B 162 11.56 18.93 -27.74
N LYS B 163 12.68 18.40 -28.23
CA LYS B 163 12.93 18.37 -29.66
C LYS B 163 11.91 17.54 -30.47
N HIS B 164 11.25 16.59 -29.81
CA HIS B 164 10.12 15.89 -30.40
C HIS B 164 9.11 15.59 -29.30
N ALA B 165 7.85 15.96 -29.53
CA ALA B 165 6.75 15.58 -28.65
C ALA B 165 6.81 14.10 -28.26
N ALA B 166 7.13 13.26 -29.24
CA ALA B 166 7.25 11.81 -29.04
C ALA B 166 8.29 11.43 -27.98
N LEU B 167 9.33 12.24 -27.82
CA LEU B 167 10.32 12.00 -26.77
C LEU B 167 9.71 12.20 -25.39
N PHE B 168 8.93 13.25 -25.21
CA PHE B 168 8.25 13.46 -23.93
C PHE B 168 7.34 12.28 -23.61
N ILE B 169 6.42 11.99 -24.52
CA ILE B 169 5.38 11.02 -24.21
C ILE B 169 5.91 9.59 -24.06
N SER B 170 6.88 9.20 -24.89
CA SER B 170 7.47 7.86 -24.78
C SER B 170 8.25 7.71 -23.46
N THR B 171 8.94 8.76 -23.05
CA THR B 171 9.66 8.73 -21.78
C THR B 171 8.70 8.60 -20.59
N VAL B 172 7.65 9.40 -20.57
CA VAL B 172 6.68 9.32 -19.47
C VAL B 172 6.02 7.94 -19.45
N LEU B 173 5.63 7.44 -20.61
CA LEU B 173 5.07 6.10 -20.73
C LEU B 173 6.01 5.05 -20.13
N SER B 174 7.26 5.08 -20.56
CA SER B 174 8.26 4.12 -20.10
C SER B 174 8.34 4.13 -18.57
N LYS B 175 8.44 5.32 -18.00
CA LYS B 175 8.61 5.46 -16.55
C LYS B 175 7.36 5.06 -15.77
N VAL B 176 6.19 5.45 -16.29
CA VAL B 176 4.91 5.06 -15.67
C VAL B 176 4.73 3.54 -15.70
N LEU B 177 4.96 2.93 -16.87
CA LEU B 177 4.73 1.48 -17.03
C LEU B 177 5.66 0.61 -16.18
N GLN B 178 6.84 1.12 -15.85
CA GLN B 178 7.78 0.37 -15.01
C GLN B 178 7.33 0.22 -13.55
N LEU B 179 6.37 1.04 -13.11
CA LEU B 179 5.93 1.03 -11.72
C LEU B 179 5.10 -0.22 -11.42
N PRO B 180 5.23 -0.78 -10.19
CA PRO B 180 4.73 -2.12 -9.91
C PRO B 180 3.20 -2.32 -9.90
N ASN B 181 2.44 -1.31 -9.49
CA ASN B 181 0.97 -1.44 -9.38
C ASN B 181 0.20 -0.56 -10.37
N VAL B 182 0.84 -0.22 -11.48
CA VAL B 182 0.19 0.47 -12.58
C VAL B 182 -0.13 -0.59 -13.64
N LYS B 183 -1.35 -0.56 -14.16
CA LYS B 183 -1.72 -1.39 -15.30
C LYS B 183 -2.29 -0.54 -16.42
N LEU B 184 -1.79 -0.72 -17.64
CA LEU B 184 -2.32 -0.04 -18.81
C LEU B 184 -3.21 -1.00 -19.59
N PHE B 185 -4.52 -0.77 -19.52
CA PHE B 185 -5.47 -1.48 -20.36
C PHE B 185 -5.71 -0.65 -21.60
N ASN B 186 -4.87 -0.82 -22.62
CA ASN B 186 -5.07 -0.11 -23.88
C ASN B 186 -6.04 -0.90 -24.78
N ALA B 187 -6.43 -0.30 -25.90
CA ALA B 187 -7.47 -0.85 -26.77
C ALA B 187 -8.80 -1.08 -26.04
N THR B 188 -8.98 -0.34 -24.94
CA THR B 188 -10.11 -0.51 -24.04
C THR B 188 -10.72 0.86 -23.76
N CYS B 189 -12.04 0.95 -23.85
N CYS B 189 -12.02 1.00 -23.90
CA CYS B 189 -12.78 2.20 -23.78
CA CYS B 189 -12.65 2.30 -23.71
C CYS B 189 -13.68 2.21 -22.55
C CYS B 189 -13.68 2.25 -22.60
N VAL B 190 -13.77 3.36 -21.88
CA VAL B 190 -14.80 3.56 -20.85
C VAL B 190 -16.04 4.02 -21.62
N GLU B 191 -17.13 3.27 -21.44
CA GLU B 191 -18.40 3.54 -22.13
C GLU B 191 -19.45 4.15 -21.21
N ASP B 192 -19.25 4.05 -19.91
CA ASP B 192 -20.21 4.55 -18.93
C ASP B 192 -19.57 4.55 -17.54
N LEU B 193 -20.31 5.06 -16.56
CA LEU B 193 -19.86 5.10 -15.18
C LEU B 193 -20.67 4.13 -14.33
N VAL B 194 -20.00 3.55 -13.35
CA VAL B 194 -20.66 2.81 -12.29
C VAL B 194 -20.98 3.85 -11.23
N THR B 195 -22.19 3.82 -10.70
CA THR B 195 -22.64 4.81 -9.73
C THR B 195 -23.30 4.19 -8.50
N ARG B 196 -23.49 5.03 -7.49
CA ARG B 196 -24.30 4.72 -6.33
C ARG B 196 -25.18 5.94 -6.06
N PRO B 197 -26.39 5.74 -5.52
CA PRO B 197 -27.41 6.80 -5.45
C PRO B 197 -26.95 8.09 -4.77
N PRO B 198 -27.63 9.21 -5.05
CA PRO B 198 -27.29 10.54 -4.52
C PRO B 198 -26.91 10.53 -3.04
N THR B 205 -22.30 9.31 -6.07
CA THR B 205 -20.86 9.09 -6.26
C THR B 205 -20.60 8.19 -7.48
N VAL B 206 -19.40 8.30 -8.01
CA VAL B 206 -18.87 7.29 -8.93
C VAL B 206 -18.40 6.12 -8.09
N ALA B 207 -18.51 4.92 -8.66
CA ALA B 207 -18.10 3.70 -7.98
C ALA B 207 -17.31 2.75 -8.89
N GLY B 208 -16.91 3.25 -10.05
CA GLY B 208 -16.21 2.43 -11.05
C GLY B 208 -16.49 2.90 -12.46
N VAL B 209 -15.99 2.14 -13.44
CA VAL B 209 -16.26 2.43 -14.84
C VAL B 209 -16.76 1.21 -15.58
N VAL B 210 -17.43 1.46 -16.69
CA VAL B 210 -17.98 0.41 -17.54
C VAL B 210 -17.12 0.37 -18.79
N THR B 211 -16.58 -0.80 -19.09
CA THR B 211 -15.54 -0.92 -20.11
C THR B 211 -15.90 -1.89 -21.22
N ASN B 212 -15.27 -1.70 -22.36
CA ASN B 212 -15.32 -2.67 -23.43
C ASN B 212 -14.11 -2.51 -24.31
N TRP B 213 -13.91 -3.47 -25.21
CA TRP B 213 -12.90 -3.29 -26.24
C TRP B 213 -13.38 -2.12 -27.09
N THR B 214 -12.48 -1.20 -27.41
CA THR B 214 -12.84 -0.03 -28.19
C THR B 214 -13.56 -0.39 -29.49
N LEU B 215 -13.05 -1.42 -30.18
CA LEU B 215 -13.64 -1.82 -31.46
C LEU B 215 -15.07 -2.32 -31.30
N VAL B 216 -15.40 -2.81 -30.10
CA VAL B 216 -16.78 -3.18 -29.78
C VAL B 216 -17.62 -1.94 -29.57
N THR B 217 -17.12 -1.00 -28.77
CA THR B 217 -17.80 0.28 -28.54
C THR B 217 -18.12 1.00 -29.85
N GLN B 218 -17.19 0.94 -30.79
CA GLN B 218 -17.36 1.60 -32.08
C GLN B 218 -18.34 0.86 -33.00
N ALA B 219 -18.72 -0.35 -32.62
CA ALA B 219 -19.73 -1.13 -33.36
C ALA B 219 -21.11 -1.17 -32.67
N HIS B 220 -21.28 -0.44 -31.56
CA HIS B 220 -22.57 -0.42 -30.84
C HIS B 220 -23.73 0.08 -31.70
N GLY B 221 -23.44 0.90 -32.70
CA GLY B 221 -24.44 1.34 -33.67
C GLY B 221 -24.94 0.21 -34.55
N THR B 222 -24.06 -0.73 -34.89
CA THR B 222 -24.43 -1.88 -35.72
C THR B 222 -25.04 -2.98 -34.85
N CYS B 224 -25.37 -8.49 -33.63
CA CYS B 224 -25.97 -8.67 -32.31
C CYS B 224 -25.20 -7.87 -31.25
N SER B 225 -25.92 -7.27 -30.31
CA SER B 225 -25.32 -6.39 -29.29
CA SER B 225 -25.34 -6.39 -29.29
C SER B 225 -24.31 -7.11 -28.39
N MET B 226 -23.39 -6.33 -27.81
CA MET B 226 -22.27 -6.86 -27.03
C MET B 226 -22.10 -6.11 -25.70
N ASP B 227 -22.33 -6.82 -24.59
CA ASP B 227 -22.25 -6.22 -23.27
C ASP B 227 -20.85 -5.77 -22.86
N PRO B 228 -20.77 -4.82 -21.92
CA PRO B 228 -19.49 -4.37 -21.38
C PRO B 228 -19.00 -5.19 -20.18
N ASN B 229 -17.81 -4.84 -19.69
CA ASN B 229 -17.31 -5.34 -18.42
C ASN B 229 -17.38 -4.17 -17.43
N VAL B 230 -16.91 -4.41 -16.20
CA VAL B 230 -16.89 -3.37 -15.17
C VAL B 230 -15.54 -3.39 -14.45
N ILE B 231 -15.05 -2.20 -14.10
CA ILE B 231 -13.95 -2.04 -13.17
C ILE B 231 -14.45 -1.20 -12.01
N GLU B 232 -14.33 -1.74 -10.80
CA GLU B 232 -14.94 -1.17 -9.60
C GLU B 232 -13.90 -0.37 -8.82
N LEU B 233 -14.34 0.71 -8.18
CA LEU B 233 -13.48 1.47 -7.28
C LEU B 233 -13.45 0.80 -5.91
N ALA B 234 -12.32 0.93 -5.21
CA ALA B 234 -12.21 0.44 -3.84
C ALA B 234 -13.27 1.12 -2.97
N GLY B 235 -13.77 0.38 -1.99
CA GLY B 235 -14.65 0.95 -0.96
C GLY B 235 -15.98 0.25 -0.70
N TYR B 236 -16.23 -0.89 -1.34
CA TYR B 236 -17.52 -1.57 -1.22
C TYR B 236 -17.42 -3.01 -0.74
N LYS B 237 -18.49 -3.51 -0.13
CA LYS B 237 -18.60 -4.89 0.36
C LYS B 237 -19.17 -5.81 -0.71
N ASN B 238 -19.16 -7.11 -0.44
CA ASN B 238 -19.73 -8.10 -1.36
C ASN B 238 -21.24 -8.03 -1.53
N ASP B 239 -21.93 -7.28 -0.68
CA ASP B 239 -23.36 -6.98 -0.90
C ASP B 239 -23.55 -5.71 -1.73
N GLY B 240 -22.44 -5.06 -2.10
CA GLY B 240 -22.48 -3.90 -2.97
C GLY B 240 -22.59 -2.56 -2.25
N THR B 241 -22.62 -2.60 -0.90
CA THR B 241 -22.76 -1.38 -0.09
C THR B 241 -21.41 -0.85 0.35
N ARG B 242 -21.40 0.40 0.79
CA ARG B 242 -20.18 1.08 1.21
C ARG B 242 -19.56 0.41 2.44
N ASP B 243 -18.25 0.17 2.37
CA ASP B 243 -17.47 -0.32 3.50
C ASP B 243 -16.63 0.86 4.02
N LEU B 244 -17.08 1.48 5.09
CA LEU B 244 -16.42 2.69 5.62
C LEU B 244 -15.06 2.43 6.27
N SER B 245 -14.69 1.16 6.46
CA SER B 245 -13.34 0.82 6.92
C SER B 245 -12.32 0.98 5.79
N GLN B 246 -12.80 1.06 4.54
CA GLN B 246 -11.94 1.25 3.38
C GLN B 246 -12.01 2.68 2.85
N LYS B 247 -10.86 3.17 2.38
CA LYS B 247 -10.80 4.43 1.64
C LYS B 247 -11.48 4.24 0.28
N HIS B 248 -12.34 5.17 -0.11
CA HIS B 248 -12.99 5.12 -1.42
C HIS B 248 -11.98 5.38 -2.53
N GLY B 249 -12.05 4.58 -3.59
CA GLY B 249 -11.20 4.82 -4.77
C GLY B 249 -11.67 6.05 -5.52
N VAL B 250 -10.88 6.49 -6.49
CA VAL B 250 -11.24 7.67 -7.27
C VAL B 250 -11.07 7.45 -8.78
N ILE B 251 -11.82 8.23 -9.54
CA ILE B 251 -11.66 8.32 -10.99
C ILE B 251 -11.01 9.66 -11.32
N LEU B 252 -9.97 9.59 -12.15
CA LEU B 252 -9.40 10.76 -12.79
C LEU B 252 -9.67 10.64 -14.28
N SER B 253 -10.46 11.57 -14.82
CA SER B 253 -10.75 11.57 -16.24
C SER B 253 -9.90 12.61 -16.95
N THR B 254 -9.18 12.13 -17.97
CA THR B 254 -8.26 12.92 -18.75
C THR B 254 -8.40 12.51 -20.22
N THR B 255 -9.62 12.63 -20.74
CA THR B 255 -9.98 12.16 -22.09
C THR B 255 -9.93 13.26 -23.17
N GLY B 256 -9.33 14.41 -22.84
CA GLY B 256 -9.14 15.48 -23.80
C GLY B 256 -10.43 16.18 -24.23
N HIS B 257 -10.35 16.88 -25.35
CA HIS B 257 -11.49 17.59 -25.94
C HIS B 257 -11.90 17.03 -27.31
N ASP B 258 -11.02 16.22 -27.90
CA ASP B 258 -11.04 15.89 -29.32
C ASP B 258 -11.30 14.39 -29.52
N GLY B 259 -11.38 13.96 -30.77
CA GLY B 259 -11.45 12.54 -31.09
C GLY B 259 -12.81 11.91 -30.89
N PRO B 260 -12.90 10.59 -31.09
CA PRO B 260 -14.20 9.88 -31.05
C PRO B 260 -14.91 9.95 -29.69
N PHE B 261 -14.16 9.91 -28.59
CA PHE B 261 -14.75 9.91 -27.25
C PHE B 261 -14.27 11.07 -26.37
N GLY B 262 -13.81 12.15 -26.99
CA GLY B 262 -13.30 13.31 -26.25
C GLY B 262 -14.23 13.79 -25.15
N ALA B 263 -13.65 14.20 -24.02
CA ALA B 263 -14.40 14.73 -22.87
C ALA B 263 -15.51 13.78 -22.42
N PHE B 264 -15.20 12.49 -22.38
CA PHE B 264 -16.21 11.48 -22.14
C PHE B 264 -16.90 11.59 -20.77
N CYS B 265 -16.12 11.65 -19.71
CA CYS B 265 -16.70 11.64 -18.36
C CYS B 265 -17.40 12.94 -18.03
N ALA B 266 -16.90 14.05 -18.58
CA ALA B 266 -17.54 15.35 -18.43
C ALA B 266 -18.95 15.31 -19.00
N LYS B 267 -19.08 14.80 -20.22
CA LYS B 267 -20.39 14.72 -20.87
C LYS B 267 -21.34 13.80 -20.11
N ARG B 268 -20.82 12.66 -19.63
CA ARG B 268 -21.66 11.68 -18.94
C ARG B 268 -22.12 12.19 -17.55
N ILE B 269 -21.22 12.85 -16.82
CA ILE B 269 -21.59 13.46 -15.54
C ILE B 269 -22.64 14.56 -15.73
N VAL B 270 -22.43 15.40 -16.74
CA VAL B 270 -23.39 16.43 -17.09
C VAL B 270 -24.72 15.81 -17.51
N ASP B 271 -24.63 14.68 -18.22
CA ASP B 271 -25.81 13.94 -18.67
C ASP B 271 -26.67 13.48 -17.48
N ILE B 272 -26.00 13.12 -16.39
CA ILE B 272 -26.68 12.55 -15.21
C ILE B 272 -26.94 13.63 -14.15
N ASP B 273 -25.89 14.30 -13.69
CA ASP B 273 -26.02 15.40 -12.72
C ASP B 273 -26.79 16.57 -13.36
N ASN B 275 -28.10 19.85 -12.81
CA ASN B 275 -27.36 20.86 -12.06
C ASN B 275 -26.07 21.33 -12.73
N GLN B 276 -25.45 20.46 -13.52
CA GLN B 276 -24.21 20.78 -14.21
C GLN B 276 -24.42 20.85 -15.72
N LYS B 277 -23.71 21.77 -16.36
CA LYS B 277 -23.73 21.90 -17.82
C LYS B 277 -22.32 21.88 -18.37
N LEU B 278 -22.19 21.42 -19.61
CA LEU B 278 -20.90 21.41 -20.30
C LEU B 278 -20.59 22.85 -20.69
N GLY B 279 -19.52 23.41 -20.11
CA GLY B 279 -19.14 24.79 -20.37
C GLY B 279 -18.85 25.07 -21.84
N GLY B 280 -18.13 24.14 -22.47
CA GLY B 280 -17.75 24.28 -23.88
C GLY B 280 -16.45 25.06 -24.00
N MET B 281 -15.47 24.45 -24.65
CA MET B 281 -14.15 25.04 -24.85
C MET B 281 -14.29 26.36 -25.62
N LYS B 282 -13.61 27.41 -25.17
CA LYS B 282 -13.66 28.72 -25.83
C LYS B 282 -12.50 28.88 -26.81
N GLY B 283 -12.30 30.11 -27.30
CA GLY B 283 -11.23 30.39 -28.26
C GLY B 283 -9.85 30.23 -27.67
N LEU B 284 -8.84 30.28 -28.54
CA LEU B 284 -7.45 30.08 -28.12
C LEU B 284 -6.88 31.36 -27.49
N ASP B 285 -6.33 31.21 -26.30
CA ASP B 285 -5.71 32.30 -25.55
C ASP B 285 -4.78 31.62 -24.56
N MET B 286 -3.49 31.58 -24.88
CA MET B 286 -2.54 30.74 -24.15
C MET B 286 -2.36 31.16 -22.70
N ASN B 287 -2.20 32.45 -22.46
CA ASN B 287 -2.04 32.96 -21.09
C ASN B 287 -3.18 32.54 -20.18
N HIS B 288 -4.42 32.79 -20.59
CA HIS B 288 -5.58 32.47 -19.75
C HIS B 288 -5.91 30.96 -19.74
N ALA B 289 -5.80 30.30 -20.90
CA ALA B 289 -6.09 28.87 -21.00
C ALA B 289 -5.22 28.01 -20.10
N GLU B 290 -3.90 28.14 -20.24
CA GLU B 290 -2.98 27.31 -19.47
C GLU B 290 -3.08 27.57 -17.98
N HIS B 291 -3.24 28.83 -17.59
CA HIS B 291 -3.43 29.17 -16.19
C HIS B 291 -4.69 28.50 -15.64
N ASP B 292 -5.81 28.68 -16.33
CA ASP B 292 -7.09 28.19 -15.82
C ASP B 292 -7.16 26.67 -15.83
N VAL B 293 -6.67 26.03 -16.89
CA VAL B 293 -6.69 24.55 -16.93
C VAL B 293 -5.93 23.97 -15.73
N VAL B 294 -4.75 24.52 -15.41
CA VAL B 294 -3.99 24.04 -14.26
C VAL B 294 -4.77 24.26 -12.96
N ILE B 295 -5.26 25.48 -12.77
CA ILE B 295 -5.97 25.86 -11.54
C ILE B 295 -7.27 25.08 -11.34
N HIS B 296 -8.06 24.93 -12.41
CA HIS B 296 -9.33 24.23 -12.35
C HIS B 296 -9.22 22.71 -12.28
N SER B 297 -8.05 22.16 -12.57
CA SER B 297 -7.87 20.71 -12.52
C SER B 297 -7.94 20.20 -11.09
N GLY B 298 -8.41 18.96 -10.96
CA GLY B 298 -8.56 18.33 -9.65
C GLY B 298 -10.00 17.91 -9.39
N ALA B 299 -10.39 17.93 -8.12
CA ALA B 299 -11.70 17.44 -7.70
C ALA B 299 -12.84 18.17 -8.41
N TYR B 300 -13.83 17.40 -8.86
CA TYR B 300 -15.03 17.99 -9.43
C TYR B 300 -16.05 18.28 -8.33
N ALA B 301 -16.57 19.50 -8.31
CA ALA B 301 -17.63 19.89 -7.37
C ALA B 301 -18.98 19.37 -7.88
N GLY B 302 -19.65 18.55 -7.07
CA GLY B 302 -20.96 18.03 -7.42
C GLY B 302 -21.00 16.52 -7.52
N VAL B 303 -19.84 15.91 -7.72
CA VAL B 303 -19.72 14.46 -7.68
C VAL B 303 -18.50 14.11 -6.84
N ASP B 304 -18.71 13.18 -5.91
CA ASP B 304 -17.68 12.77 -4.99
C ASP B 304 -16.73 11.77 -5.66
N ASN B 305 -15.45 11.84 -5.29
CA ASN B 305 -14.43 10.88 -5.74
C ASN B 305 -14.13 10.95 -7.24
N MET B 306 -14.36 12.13 -7.82
CA MET B 306 -14.24 12.36 -9.25
C MET B 306 -13.29 13.52 -9.51
N TYR B 307 -12.32 13.30 -10.39
CA TYR B 307 -11.27 14.28 -10.68
C TYR B 307 -11.09 14.45 -12.18
N PHE B 308 -10.66 15.64 -12.60
CA PHE B 308 -10.38 15.91 -14.01
C PHE B 308 -9.03 16.59 -14.17
N ALA B 309 -8.40 16.37 -15.32
CA ALA B 309 -7.23 17.16 -15.71
C ALA B 309 -7.14 17.23 -17.22
N GLY B 310 -6.23 18.06 -17.74
CA GLY B 310 -6.03 18.21 -19.16
C GLY B 310 -7.15 19.00 -19.82
N MET B 311 -7.30 18.83 -21.13
CA MET B 311 -8.25 19.62 -21.90
C MET B 311 -9.71 19.28 -21.59
N GLU B 312 -9.97 18.11 -21.02
CA GLU B 312 -11.32 17.78 -20.58
C GLU B 312 -11.83 18.85 -19.60
N VAL B 313 -10.93 19.41 -18.80
CA VAL B 313 -11.27 20.49 -17.85
C VAL B 313 -11.76 21.75 -18.58
N ALA B 314 -11.18 22.05 -19.73
CA ALA B 314 -11.57 23.23 -20.50
C ALA B 314 -12.96 23.07 -21.08
N GLU B 315 -13.31 21.84 -21.48
CA GLU B 315 -14.64 21.56 -22.00
C GLU B 315 -15.67 21.68 -20.89
N LEU B 316 -15.38 21.06 -19.76
CA LEU B 316 -16.29 21.04 -18.63
C LEU B 316 -16.55 22.43 -18.06
N ASP B 317 -15.48 23.18 -17.81
CA ASP B 317 -15.58 24.49 -17.14
C ASP B 317 -15.69 25.67 -18.11
N GLY B 318 -15.71 25.40 -19.41
CA GLY B 318 -15.84 26.46 -20.40
C GLY B 318 -14.66 27.42 -20.42
N LEU B 319 -13.46 26.86 -20.52
CA LEU B 319 -12.23 27.66 -20.51
C LEU B 319 -11.69 27.84 -21.92
N ASN B 320 -10.69 28.71 -22.04
CA ASN B 320 -9.98 28.89 -23.28
C ASN B 320 -9.13 27.65 -23.60
N ARG B 321 -8.69 27.56 -24.84
CA ARG B 321 -7.76 26.52 -25.25
C ARG B 321 -6.40 27.17 -25.49
N MET B 322 -5.35 26.35 -25.61
CA MET B 322 -3.98 26.88 -25.75
C MET B 322 -3.25 26.46 -27.02
N GLY B 323 -3.82 25.55 -27.80
CA GLY B 323 -3.16 25.10 -29.03
C GLY B 323 -1.88 24.33 -28.72
N PRO B 324 -0.86 24.47 -29.58
CA PRO B 324 0.32 23.63 -29.53
C PRO B 324 1.36 24.02 -28.47
N THR B 325 0.93 24.06 -27.21
CA THR B 325 1.84 24.16 -26.09
C THR B 325 1.33 23.24 -24.98
N PHE B 326 2.25 22.62 -24.23
CA PHE B 326 1.91 21.45 -23.41
C PHE B 326 2.19 21.54 -21.91
N GLY B 327 2.65 22.70 -21.43
CA GLY B 327 2.96 22.89 -20.02
C GLY B 327 1.77 22.62 -19.11
N ALA B 328 0.61 23.15 -19.46
CA ALA B 328 -0.59 22.99 -18.65
C ALA B 328 -1.09 21.54 -18.58
N MET B 329 -0.85 20.76 -19.63
CA MET B 329 -1.23 19.34 -19.62
C MET B 329 -0.49 18.58 -18.53
N ALA B 330 0.85 18.71 -18.54
CA ALA B 330 1.68 18.09 -17.52
C ALA B 330 1.37 18.62 -16.12
N LEU B 331 1.33 19.94 -15.95
CA LEU B 331 1.13 20.52 -14.63
C LEU B 331 -0.29 20.37 -14.08
N SER B 332 -1.30 20.34 -14.95
CA SER B 332 -2.66 20.04 -14.49
C SER B 332 -2.72 18.62 -13.94
N GLY B 333 -2.00 17.69 -14.58
CA GLY B 333 -1.83 16.34 -14.07
C GLY B 333 -1.15 16.30 -12.70
N VAL B 334 -0.12 17.11 -12.50
CA VAL B 334 0.55 17.21 -11.21
C VAL B 334 -0.42 17.72 -10.13
N HIS B 335 -1.18 18.76 -10.47
CA HIS B 335 -2.15 19.34 -9.55
C HIS B 335 -3.23 18.33 -9.14
N ALA B 336 -3.86 17.68 -10.12
CA ALA B 336 -4.82 16.61 -9.85
C ALA B 336 -4.22 15.50 -8.99
N ALA B 337 -3.01 15.08 -9.33
CA ALA B 337 -2.32 14.04 -8.58
C ALA B 337 -2.09 14.42 -7.11
N GLU B 338 -1.74 15.68 -6.86
CA GLU B 338 -1.58 16.20 -5.51
C GLU B 338 -2.86 16.03 -4.70
N GLN B 339 -3.98 16.45 -5.28
CA GLN B 339 -5.27 16.34 -4.60
C GLN B 339 -5.65 14.87 -4.36
N ILE B 340 -5.39 14.03 -5.35
CA ILE B 340 -5.67 12.60 -5.22
C ILE B 340 -4.81 11.98 -4.13
N LEU B 341 -3.52 12.31 -4.11
CA LEU B 341 -2.63 11.78 -3.08
C LEU B 341 -3.04 12.21 -1.66
N LYS B 342 -3.54 13.44 -1.54
CA LYS B 342 -4.05 13.94 -0.25
C LYS B 342 -5.29 13.19 0.20
N HIS B 343 -6.17 12.83 -0.74
CA HIS B 343 -7.34 12.01 -0.43
C HIS B 343 -6.92 10.68 0.19
N PHE B 344 -5.94 10.01 -0.40
CA PHE B 344 -5.44 8.73 0.11
C PHE B 344 -4.57 8.82 1.37
N ALA B 345 -4.07 10.02 1.69
CA ALA B 345 -3.29 10.23 2.91
C ALA B 345 -4.19 10.47 4.12
N ALA B 346 -5.32 11.13 3.89
CA ALA B 346 -6.24 11.51 4.96
C ALA B 346 -6.66 10.31 5.81
N THR C 43 8.86 -4.62 3.94
CA THR C 43 9.96 -4.07 4.80
C THR C 43 9.54 -3.87 6.26
N HIS C 44 10.52 -4.00 7.15
CA HIS C 44 10.30 -3.97 8.60
C HIS C 44 11.54 -3.46 9.33
N CYS C 45 11.49 -3.41 10.66
CA CYS C 45 12.55 -2.79 11.46
C CYS C 45 13.96 -3.37 11.29
N LEU C 46 14.05 -4.63 10.87
CA LEU C 46 15.33 -5.28 10.60
C LEU C 46 15.69 -5.39 9.12
N SER C 47 14.95 -4.73 8.24
CA SER C 47 15.20 -4.85 6.79
C SER C 47 16.61 -4.41 6.37
N ASP C 48 17.21 -3.50 7.13
CA ASP C 48 18.57 -3.04 6.84
C ASP C 48 19.66 -3.97 7.36
N ILE C 49 19.41 -4.68 8.46
CA ILE C 49 20.45 -5.51 9.08
C ILE C 49 20.31 -7.01 8.78
N VAL C 50 19.09 -7.47 8.48
CA VAL C 50 18.88 -8.87 8.06
C VAL C 50 18.74 -8.90 6.54
N LYS C 51 19.73 -9.45 5.86
CA LYS C 51 19.79 -9.44 4.40
C LYS C 51 19.38 -10.77 3.77
N LYS C 52 19.60 -11.87 4.48
CA LYS C 52 19.29 -13.20 3.95
C LYS C 52 17.80 -13.50 4.05
N GLU C 53 17.28 -14.15 3.02
CA GLU C 53 15.87 -14.50 2.95
C GLU C 53 15.50 -15.52 4.03
N ASP C 54 16.44 -16.40 4.36
CA ASP C 54 16.25 -17.40 5.41
C ASP C 54 16.65 -16.89 6.81
N TRP C 55 16.99 -15.61 6.93
CA TRP C 55 17.38 -15.00 8.21
C TRP C 55 18.63 -15.64 8.83
N SER C 56 19.45 -16.29 8.00
CA SER C 56 20.64 -16.99 8.50
C SER C 56 21.72 -16.01 8.98
N ASP C 57 21.63 -14.75 8.57
CA ASP C 57 22.54 -13.71 9.06
C ASP C 57 22.00 -12.96 10.30
N PHE C 58 20.84 -13.34 10.80
CA PHE C 58 20.30 -12.75 12.03
C PHE C 58 21.11 -13.19 13.24
N LYS C 59 21.30 -12.30 14.20
CA LYS C 59 21.86 -12.69 15.50
C LYS C 59 21.58 -11.65 16.59
N PHE C 60 21.42 -12.14 17.81
CA PHE C 60 21.46 -11.32 19.01
C PHE C 60 22.90 -11.28 19.49
N ALA C 61 23.26 -10.24 20.22
CA ALA C 61 24.53 -10.23 20.96
C ALA C 61 24.44 -11.28 22.07
N PRO C 62 25.54 -12.04 22.31
CA PRO C 62 25.46 -13.16 23.27
C PRO C 62 25.32 -12.68 24.70
N ILE C 63 24.53 -13.39 25.49
CA ILE C 63 24.20 -12.96 26.85
C ILE C 63 24.37 -14.07 27.87
N ARG C 64 24.44 -13.66 29.13
CA ARG C 64 24.53 -14.54 30.27
C ARG C 64 23.23 -14.42 31.08
N GLU C 65 22.70 -15.55 31.51
CA GLU C 65 21.39 -15.59 32.19
C GLU C 65 21.31 -14.65 33.40
N SER C 66 22.36 -14.62 34.21
CA SER C 66 22.39 -13.79 35.41
C SER C 66 22.35 -12.28 35.14
N THR C 67 22.79 -11.86 33.95
CA THR C 67 22.69 -10.46 33.54
C THR C 67 21.23 -10.05 33.44
N VAL C 68 20.42 -10.92 32.84
CA VAL C 68 18.99 -10.66 32.70
C VAL C 68 18.31 -10.62 34.07
N SER C 69 18.58 -11.64 34.89
CA SER C 69 18.04 -11.69 36.24
C SER C 69 18.37 -10.42 37.03
N ARG C 70 19.65 -10.06 37.04
CA ARG C 70 20.07 -8.88 37.82
C ARG C 70 19.43 -7.59 37.29
N ALA C 71 19.34 -7.46 35.97
CA ALA C 71 18.74 -6.27 35.36
C ALA C 71 17.30 -6.06 35.83
N MET C 72 16.55 -7.17 35.95
CA MET C 72 15.16 -7.13 36.39
C MET C 72 15.00 -6.85 37.87
N THR C 73 15.75 -7.60 38.67
CA THR C 73 15.59 -7.54 40.13
C THR C 73 16.11 -6.25 40.71
N SER C 74 17.25 -5.77 40.21
CA SER C 74 17.78 -4.48 40.65
C SER C 74 16.72 -3.39 40.46
N ARG C 75 16.06 -3.38 39.31
CA ARG C 75 15.06 -2.37 39.02
C ARG C 75 13.84 -2.48 39.93
N TYR C 76 13.38 -3.70 40.21
CA TYR C 76 12.21 -3.86 41.05
C TYR C 76 12.47 -3.42 42.49
N PHE C 77 13.65 -3.72 43.04
CA PHE C 77 13.94 -3.24 44.39
C PHE C 77 14.05 -1.71 44.42
N LYS C 78 14.63 -1.12 43.38
CA LYS C 78 14.66 0.33 43.30
C LYS C 78 13.25 0.92 43.36
N ASP C 79 12.29 0.27 42.69
CA ASP C 79 10.89 0.70 42.74
C ASP C 79 10.34 0.54 44.15
N LEU C 80 10.57 -0.62 44.75
CA LEU C 80 10.10 -0.88 46.12
C LEU C 80 10.67 0.12 47.11
N ASP C 81 11.96 0.44 46.95
CA ASP C 81 12.63 1.44 47.78
C ASP C 81 12.06 2.83 47.56
N LYS C 82 11.96 3.26 46.30
CA LYS C 82 11.48 4.60 45.98
C LYS C 82 10.02 4.81 46.40
N PHE C 83 9.15 3.85 46.08
CA PHE C 83 7.73 4.01 46.32
C PHE C 83 7.26 3.52 47.69
N ALA C 84 8.18 3.08 48.56
CA ALA C 84 7.82 2.68 49.91
C ALA C 84 7.15 3.84 50.67
N VAL C 85 7.48 5.07 50.29
CA VAL C 85 6.69 6.25 50.67
C VAL C 85 6.18 6.86 49.36
N SER C 86 4.87 6.90 49.20
CA SER C 86 4.27 7.43 47.98
C SER C 86 3.37 8.61 48.31
N ASP C 87 3.17 9.47 47.32
CA ASP C 87 2.32 10.65 47.45
C ASP C 87 0.87 10.33 47.17
N VAL C 88 0.65 9.54 46.11
CA VAL C 88 -0.67 9.06 45.74
C VAL C 88 -0.61 7.54 45.57
N ILE C 89 -1.43 6.83 46.32
CA ILE C 89 -1.61 5.39 46.11
C ILE C 89 -2.98 5.16 45.47
N ILE C 90 -2.97 4.61 44.26
CA ILE C 90 -4.19 4.29 43.54
C ILE C 90 -4.41 2.79 43.59
N VAL C 91 -5.54 2.37 44.18
CA VAL C 91 -5.87 0.96 44.34
C VAL C 91 -6.83 0.51 43.24
N GLY C 92 -6.31 -0.27 42.30
CA GLY C 92 -7.09 -0.76 41.19
C GLY C 92 -6.83 -0.02 39.89
N ALA C 93 -6.20 -0.69 38.94
CA ALA C 93 -5.87 -0.10 37.65
C ALA C 93 -6.92 -0.46 36.59
N GLY C 94 -8.17 -0.10 36.87
CA GLY C 94 -9.27 -0.22 35.91
C GLY C 94 -9.48 1.11 35.21
N SER C 95 -10.63 1.28 34.56
CA SER C 95 -10.87 2.51 33.81
C SER C 95 -10.80 3.77 34.68
N SER C 96 -11.44 3.74 35.84
CA SER C 96 -11.52 4.94 36.67
C SER C 96 -10.16 5.27 37.33
N GLY C 97 -9.48 4.24 37.81
CA GLY C 97 -8.15 4.42 38.43
C GLY C 97 -7.11 4.94 37.45
N LEU C 98 -7.09 4.35 36.26
CA LEU C 98 -6.12 4.74 35.23
C LEU C 98 -6.44 6.13 34.67
N SER C 99 -7.72 6.44 34.53
CA SER C 99 -8.14 7.77 34.07
C SER C 99 -7.68 8.83 35.06
N ALA C 100 -7.93 8.58 36.35
CA ALA C 100 -7.46 9.47 37.42
C ALA C 100 -5.94 9.57 37.44
N ALA C 101 -5.26 8.44 37.29
CA ALA C 101 -3.80 8.41 37.32
C ALA C 101 -3.21 9.31 36.24
N TYR C 102 -3.80 9.25 35.04
CA TYR C 102 -3.32 10.07 33.92
C TYR C 102 -3.44 11.56 34.24
N VAL C 103 -4.59 11.96 34.75
CA VAL C 103 -4.85 13.38 35.03
C VAL C 103 -3.95 13.89 36.16
N ILE C 104 -3.81 13.10 37.23
CA ILE C 104 -2.94 13.46 38.35
C ILE C 104 -1.48 13.56 37.90
N ALA C 105 -0.97 12.51 37.27
CA ALA C 105 0.46 12.44 36.93
C ALA C 105 0.87 13.45 35.85
N LYS C 106 0.00 13.65 34.86
CA LYS C 106 0.22 14.62 33.80
C LYS C 106 0.31 16.05 34.34
N ASN C 107 -0.59 16.39 35.27
CA ASN C 107 -0.57 17.72 35.91
C ASN C 107 0.57 17.90 36.92
N ARG C 108 0.96 16.83 37.61
CA ARG C 108 2.02 16.89 38.63
C ARG C 108 3.00 15.73 38.45
N PRO C 109 3.90 15.85 37.45
CA PRO C 109 4.85 14.78 37.13
C PRO C 109 5.83 14.48 38.27
N ASP C 110 5.94 15.40 39.22
CA ASP C 110 6.81 15.24 40.39
C ASP C 110 6.26 14.33 41.49
N LEU C 111 4.94 14.14 41.54
CA LEU C 111 4.34 13.30 42.60
C LEU C 111 4.57 11.82 42.33
N LYS C 112 4.86 11.08 43.39
CA LYS C 112 5.02 9.63 43.30
C LYS C 112 3.65 9.00 43.34
N VAL C 113 3.24 8.49 42.17
CA VAL C 113 1.92 7.89 41.98
C VAL C 113 2.11 6.37 41.88
N CYS C 114 1.65 5.68 42.91
CA CYS C 114 1.84 4.24 43.08
C CYS C 114 0.53 3.52 42.77
N ILE C 115 0.50 2.74 41.69
CA ILE C 115 -0.72 2.04 41.29
C ILE C 115 -0.60 0.56 41.66
N ILE C 116 -1.51 0.10 42.52
CA ILE C 116 -1.55 -1.29 42.95
C ILE C 116 -2.68 -2.02 42.24
N GLU C 117 -2.32 -3.04 41.45
CA GLU C 117 -3.28 -3.83 40.68
C GLU C 117 -3.15 -5.32 41.02
N SER C 118 -4.22 -5.91 41.53
CA SER C 118 -4.21 -7.31 41.96
C SER C 118 -4.02 -8.30 40.80
N SER C 119 -4.60 -8.00 39.64
CA SER C 119 -4.47 -8.90 38.50
C SER C 119 -3.12 -8.76 37.81
N VAL C 120 -2.74 -9.79 37.06
CA VAL C 120 -1.56 -9.75 36.22
C VAL C 120 -1.76 -8.66 35.16
N ALA C 121 -2.85 -8.77 34.40
CA ALA C 121 -3.18 -7.76 33.41
C ALA C 121 -3.99 -6.66 34.09
N PRO C 122 -3.55 -5.41 33.94
CA PRO C 122 -4.37 -4.29 34.40
C PRO C 122 -5.53 -4.06 33.42
N GLY C 123 -6.40 -3.11 33.75
CA GLY C 123 -7.49 -2.73 32.87
C GLY C 123 -8.85 -3.08 33.40
N GLY C 124 -8.90 -3.99 34.37
CA GLY C 124 -10.12 -4.37 35.03
C GLY C 124 -11.19 -4.82 34.06
N GLY C 125 -12.33 -4.13 34.09
CA GLY C 125 -13.49 -4.51 33.27
C GLY C 125 -13.60 -3.81 31.93
N SER C 126 -12.54 -3.13 31.50
CA SER C 126 -12.59 -2.35 30.27
C SER C 126 -11.94 -3.01 29.05
N TRP C 127 -11.70 -4.32 29.08
CA TRP C 127 -11.20 -5.04 27.89
C TRP C 127 -12.34 -5.45 26.95
N LEU C 128 -13.58 -5.33 27.43
CA LEU C 128 -14.76 -5.73 26.69
C LEU C 128 -15.88 -4.73 26.92
N GLY C 129 -16.83 -4.73 25.99
CA GLY C 129 -18.13 -4.13 26.22
C GLY C 129 -18.97 -5.11 27.04
N GLY C 130 -20.26 -5.17 26.75
CA GLY C 130 -21.18 -6.05 27.48
C GLY C 130 -21.35 -7.40 26.79
N GLN C 131 -21.62 -8.43 27.59
CA GLN C 131 -21.92 -9.77 27.10
C GLN C 131 -20.81 -10.30 26.16
N LEU C 132 -19.57 -9.98 26.52
CA LEU C 132 -18.37 -10.34 25.76
C LEU C 132 -18.25 -9.67 24.39
N PHE C 133 -19.10 -8.68 24.11
CA PHE C 133 -18.99 -7.93 22.86
C PHE C 133 -17.94 -6.82 23.07
N SER C 134 -17.57 -6.16 21.98
CA SER C 134 -16.34 -5.36 21.96
C SER C 134 -16.52 -3.85 22.19
N ALA C 135 -17.58 -3.26 21.66
CA ALA C 135 -17.65 -1.81 21.54
C ALA C 135 -17.87 -1.10 22.87
N MET C 136 -17.18 0.03 23.06
CA MET C 136 -17.25 0.80 24.29
C MET C 136 -18.01 2.09 24.03
N VAL C 137 -19.19 2.19 24.63
CA VAL C 137 -20.04 3.37 24.50
C VAL C 137 -19.70 4.36 25.61
N MET C 138 -19.45 5.60 25.22
CA MET C 138 -19.17 6.68 26.17
C MET C 138 -20.04 7.87 25.84
N ARG C 139 -20.86 8.28 26.79
CA ARG C 139 -21.74 9.43 26.59
C ARG C 139 -20.96 10.73 26.71
N LYS C 140 -21.36 11.72 25.92
CA LYS C 140 -20.73 13.02 25.98
C LYS C 140 -21.03 13.65 27.33
N PRO C 141 -20.07 14.39 27.91
CA PRO C 141 -18.81 14.89 27.34
C PRO C 141 -17.55 14.03 27.55
N ALA C 142 -17.70 12.72 27.74
CA ALA C 142 -16.53 11.85 27.93
C ALA C 142 -15.62 11.78 26.69
N HIS C 143 -16.18 12.11 25.52
CA HIS C 143 -15.40 12.19 24.28
C HIS C 143 -14.24 13.19 24.35
N LEU C 144 -14.37 14.23 25.18
CA LEU C 144 -13.29 15.20 25.38
C LEU C 144 -12.07 14.55 26.02
N PHE C 145 -12.30 13.53 26.84
CA PHE C 145 -11.21 12.75 27.42
C PHE C 145 -10.55 11.87 26.35
N LEU C 146 -11.37 11.24 25.53
CA LEU C 146 -10.85 10.50 24.37
C LEU C 146 -9.99 11.37 23.46
N GLN C 147 -10.45 12.60 23.19
CA GLN C 147 -9.69 13.52 22.33
C GLN C 147 -8.32 13.81 22.92
N GLU C 148 -8.27 14.08 24.22
CA GLU C 148 -7.01 14.32 24.92
C GLU C 148 -6.03 13.15 24.81
N LEU C 149 -6.55 11.93 24.88
CA LEU C 149 -5.70 10.72 24.78
C LEU C 149 -5.50 10.28 23.33
N GLU C 150 -6.11 11.00 22.39
CA GLU C 150 -6.01 10.72 20.96
C GLU C 150 -6.54 9.31 20.63
N ILE C 151 -7.64 8.95 21.27
CA ILE C 151 -8.32 7.68 21.00
C ILE C 151 -9.42 7.95 19.97
N PRO C 152 -9.34 7.27 18.81
CA PRO C 152 -10.39 7.49 17.80
C PRO C 152 -11.74 6.94 18.24
N TYR C 153 -12.81 7.52 17.71
CA TYR C 153 -14.15 7.07 18.05
C TYR C 153 -15.14 7.38 16.94
N GLU C 154 -16.29 6.71 17.00
CA GLU C 154 -17.39 6.94 16.08
C GLU C 154 -18.43 7.81 16.80
N ASP C 155 -18.67 9.00 16.27
CA ASP C 155 -19.55 9.97 16.91
C ASP C 155 -21.00 9.69 16.53
N GLU C 156 -21.83 9.36 17.52
CA GLU C 156 -23.25 9.03 17.28
C GLU C 156 -24.21 10.09 17.81
N GLY C 157 -23.66 11.25 18.21
CA GLY C 157 -24.47 12.39 18.65
C GLY C 157 -24.30 12.68 20.12
N ASP C 158 -25.18 12.12 20.95
CA ASP C 158 -25.09 12.26 22.39
C ASP C 158 -24.08 11.30 23.03
N TYR C 159 -23.63 10.31 22.27
CA TYR C 159 -22.61 9.39 22.74
C TYR C 159 -21.65 9.06 21.60
N VAL C 160 -20.48 8.55 21.96
CA VAL C 160 -19.52 8.08 20.98
C VAL C 160 -19.15 6.63 21.29
N VAL C 161 -18.55 5.95 20.31
CA VAL C 161 -18.21 4.55 20.44
C VAL C 161 -16.76 4.30 20.05
N VAL C 162 -15.99 3.74 20.98
CA VAL C 162 -14.63 3.29 20.70
C VAL C 162 -14.79 1.88 20.16
N LYS C 163 -14.18 1.61 19.01
CA LYS C 163 -14.48 0.39 18.28
C LYS C 163 -14.14 -0.89 19.04
N HIS C 164 -13.15 -0.81 19.94
CA HIS C 164 -12.93 -1.87 20.90
C HIS C 164 -12.60 -1.26 22.25
N ALA C 165 -13.28 -1.73 23.29
CA ALA C 165 -12.95 -1.38 24.66
C ALA C 165 -11.44 -1.49 24.93
N ALA C 166 -10.82 -2.55 24.42
CA ALA C 166 -9.38 -2.79 24.53
C ALA C 166 -8.52 -1.64 23.99
N LEU C 167 -9.01 -0.94 22.97
CA LEU C 167 -8.30 0.22 22.43
C LEU C 167 -8.29 1.37 23.43
N PHE C 168 -9.40 1.60 24.13
CA PHE C 168 -9.42 2.62 25.16
C PHE C 168 -8.42 2.30 26.26
N ILE C 169 -8.55 1.11 26.83
CA ILE C 169 -7.80 0.80 28.03
C ILE C 169 -6.30 0.62 27.75
N SER C 170 -5.95 0.01 26.62
CA SER C 170 -4.54 -0.13 26.23
C SER C 170 -3.89 1.23 25.96
N THR C 171 -4.62 2.15 25.32
CA THR C 171 -4.08 3.49 25.08
C THR C 171 -3.85 4.24 26.40
N VAL C 172 -4.84 4.22 27.29
CA VAL C 172 -4.69 4.91 28.57
C VAL C 172 -3.51 4.31 29.35
N LEU C 173 -3.45 2.99 29.40
CA LEU C 173 -2.35 2.29 30.06
C LEU C 173 -1.00 2.77 29.54
N SER C 174 -0.86 2.78 28.22
CA SER C 174 0.38 3.17 27.56
C SER C 174 0.80 4.59 27.95
N LYS C 175 -0.15 5.51 27.91
CA LYS C 175 0.15 6.90 28.22
C LYS C 175 0.47 7.11 29.69
N VAL C 176 -0.24 6.41 30.57
CA VAL C 176 0.00 6.50 32.01
C VAL C 176 1.38 5.95 32.37
N LEU C 177 1.71 4.78 31.83
CA LEU C 177 2.97 4.11 32.16
C LEU C 177 4.20 4.88 31.66
N GLN C 178 4.04 5.67 30.60
CA GLN C 178 5.16 6.47 30.08
C GLN C 178 5.61 7.57 31.04
N LEU C 179 4.74 7.96 31.98
CA LEU C 179 5.03 9.09 32.86
C LEU C 179 6.11 8.73 33.87
N PRO C 180 6.97 9.71 34.23
CA PRO C 180 8.22 9.43 34.94
C PRO C 180 8.10 8.95 36.39
N ASN C 181 7.09 9.41 37.12
CA ASN C 181 6.95 9.04 38.54
C ASN C 181 5.70 8.19 38.82
N VAL C 182 5.23 7.49 37.79
CA VAL C 182 4.17 6.50 37.95
C VAL C 182 4.80 5.12 38.03
N LYS C 183 4.33 4.31 38.98
CA LYS C 183 4.73 2.91 39.08
C LYS C 183 3.51 1.99 39.16
N LEU C 184 3.50 0.96 38.32
CA LEU C 184 2.44 -0.05 38.35
C LEU C 184 2.95 -1.31 39.04
N PHE C 185 2.48 -1.55 40.25
CA PHE C 185 2.74 -2.80 40.93
C PHE C 185 1.56 -3.72 40.64
N ASN C 186 1.65 -4.45 39.54
CA ASN C 186 0.61 -5.43 39.21
C ASN C 186 0.91 -6.76 39.89
N ALA C 187 -0.04 -7.70 39.82
CA ALA C 187 0.03 -8.97 40.57
C ALA C 187 0.18 -8.74 42.08
N THR C 188 -0.30 -7.58 42.53
CA THR C 188 -0.14 -7.13 43.90
C THR C 188 -1.49 -6.61 44.39
N CYS C 189 -1.93 -7.09 45.55
N CYS C 189 -1.89 -7.08 45.57
CA CYS C 189 -3.25 -6.71 46.05
CA CYS C 189 -3.21 -6.81 46.13
C CYS C 189 -3.15 -6.00 47.38
C CYS C 189 -3.10 -5.95 47.38
N VAL C 190 -4.03 -5.01 47.56
CA VAL C 190 -4.18 -4.33 48.84
C VAL C 190 -5.10 -5.19 49.69
N GLU C 191 -4.64 -5.61 50.85
CA GLU C 191 -5.43 -6.47 51.73
C GLU C 191 -5.79 -5.80 53.06
N ASP C 192 -5.29 -4.59 53.30
CA ASP C 192 -5.69 -3.81 54.46
C ASP C 192 -5.21 -2.37 54.31
N LEU C 193 -5.61 -1.51 55.23
CA LEU C 193 -5.19 -0.13 55.24
C LEU C 193 -4.24 0.11 56.40
N VAL C 194 -3.27 1.00 56.18
CA VAL C 194 -2.45 1.54 57.25
C VAL C 194 -3.21 2.76 57.77
N THR C 195 -3.31 2.88 59.08
CA THR C 195 -4.10 3.95 59.69
C THR C 195 -3.35 4.68 60.81
N ARG C 196 -3.90 5.81 61.19
CA ARG C 196 -3.52 6.49 62.43
C ARG C 196 -4.80 6.86 63.15
N PRO C 197 -4.74 6.99 64.49
CA PRO C 197 -5.95 7.32 65.23
C PRO C 197 -6.34 8.78 65.06
N PRO C 198 -7.58 9.13 65.44
CA PRO C 198 -7.93 10.55 65.47
C PRO C 198 -7.21 11.25 66.62
N GLY C 202 -10.05 14.86 64.69
CA GLY C 202 -11.44 14.49 64.91
C GLY C 202 -11.79 13.10 64.40
N GLU C 203 -11.06 12.65 63.39
CA GLU C 203 -11.38 11.39 62.72
C GLU C 203 -10.13 10.69 62.18
N VAL C 204 -10.24 9.37 62.08
CA VAL C 204 -9.14 8.53 61.62
C VAL C 204 -8.59 9.02 60.27
N THR C 205 -7.31 8.75 60.04
CA THR C 205 -6.75 8.96 58.71
C THR C 205 -6.18 7.65 58.19
N VAL C 206 -6.22 7.50 56.89
CA VAL C 206 -5.44 6.48 56.23
C VAL C 206 -4.01 7.00 56.17
N ALA C 207 -3.05 6.09 56.21
CA ALA C 207 -1.64 6.44 56.19
C ALA C 207 -0.80 5.51 55.30
N GLY C 208 -1.48 4.73 54.45
CA GLY C 208 -0.83 3.77 53.59
C GLY C 208 -1.70 2.55 53.33
N VAL C 209 -1.14 1.57 52.63
CA VAL C 209 -1.86 0.33 52.33
C VAL C 209 -1.02 -0.88 52.70
N VAL C 210 -1.69 -1.99 52.96
CA VAL C 210 -1.04 -3.24 53.31
C VAL C 210 -1.13 -4.11 52.07
N THR C 211 0.02 -4.61 51.62
CA THR C 211 0.13 -5.24 50.31
C THR C 211 0.66 -6.67 50.42
N ASN C 212 0.33 -7.47 49.40
CA ASN C 212 0.97 -8.76 49.22
C ASN C 212 0.83 -9.17 47.76
N TRP C 213 1.56 -10.19 47.36
CA TRP C 213 1.31 -10.80 46.06
C TRP C 213 -0.12 -11.35 46.08
N THR C 214 -0.87 -11.11 45.01
CA THR C 214 -2.27 -11.52 44.96
C THR C 214 -2.43 -13.00 45.26
N LEU C 215 -1.58 -13.81 44.62
CA LEU C 215 -1.60 -15.26 44.82
C LEU C 215 -1.37 -15.66 46.29
N VAL C 216 -0.63 -14.85 47.03
CA VAL C 216 -0.47 -15.07 48.47
C VAL C 216 -1.78 -14.74 49.19
N THR C 217 -2.34 -13.57 48.90
CA THR C 217 -3.61 -13.15 49.48
C THR C 217 -4.72 -14.19 49.26
N GLN C 218 -4.76 -14.75 48.04
CA GLN C 218 -5.77 -15.74 47.68
C GLN C 218 -5.56 -17.10 48.33
N ALA C 219 -4.40 -17.30 48.97
CA ALA C 219 -4.11 -18.50 49.75
C ALA C 219 -4.18 -18.28 51.26
N HIS C 220 -4.70 -17.13 51.71
CA HIS C 220 -4.73 -16.80 53.15
C HIS C 220 -5.61 -17.73 53.98
N GLY C 221 -6.65 -18.30 53.36
CA GLY C 221 -7.47 -19.31 54.01
C GLY C 221 -6.79 -20.67 54.15
N THR C 222 -5.74 -20.88 53.37
CA THR C 222 -5.00 -22.15 53.37
C THR C 222 -3.81 -22.06 54.32
N CYS C 224 1.52 -22.63 55.90
CA CYS C 224 2.00 -21.67 56.90
C CYS C 224 1.71 -20.25 56.40
N SER C 225 1.20 -19.39 57.28
CA SER C 225 0.75 -18.05 56.90
CA SER C 225 0.76 -18.04 56.93
C SER C 225 1.89 -17.17 56.38
N MET C 226 1.53 -16.19 55.54
CA MET C 226 2.51 -15.34 54.86
C MET C 226 2.19 -13.85 55.07
N ASP C 227 3.09 -13.16 55.77
CA ASP C 227 2.89 -11.75 56.11
C ASP C 227 2.89 -10.82 54.90
N PRO C 228 2.23 -9.65 55.04
CA PRO C 228 2.18 -8.66 53.98
C PRO C 228 3.37 -7.69 54.01
N ASN C 229 3.43 -6.83 53.00
CA ASN C 229 4.32 -5.68 53.03
C ASN C 229 3.45 -4.45 53.31
N VAL C 230 4.08 -3.27 53.34
CA VAL C 230 3.39 -2.01 53.54
C VAL C 230 3.93 -0.95 52.58
N ILE C 231 3.04 -0.09 52.13
CA ILE C 231 3.37 1.12 51.38
C ILE C 231 2.79 2.29 52.17
N GLU C 232 3.65 3.25 52.49
CA GLU C 232 3.30 4.36 53.38
C GLU C 232 2.96 5.61 52.56
N LEU C 233 2.02 6.42 53.05
CA LEU C 233 1.75 7.72 52.43
C LEU C 233 2.73 8.76 52.95
N ALA C 234 3.04 9.74 52.12
CA ALA C 234 3.84 10.87 52.56
C ALA C 234 3.19 11.56 53.76
N GLY C 235 4.01 12.12 54.64
CA GLY C 235 3.53 12.95 55.74
C GLY C 235 3.94 12.58 57.16
N TYR C 236 4.78 11.55 57.31
CA TYR C 236 5.19 11.08 58.64
C TYR C 236 6.69 11.15 58.86
N LYS C 237 7.09 11.33 60.12
CA LYS C 237 8.49 11.36 60.51
C LYS C 237 9.01 9.94 60.71
N ASN C 238 10.30 9.83 61.01
CA ASN C 238 10.95 8.56 61.33
C ASN C 238 10.43 7.84 62.57
N ASP C 239 9.80 8.58 63.50
CA ASP C 239 9.19 7.95 64.68
C ASP C 239 7.74 7.53 64.42
N GLY C 240 7.26 7.73 63.19
CA GLY C 240 5.91 7.35 62.79
C GLY C 240 4.82 8.39 63.05
N THR C 241 5.19 9.53 63.64
CA THR C 241 4.20 10.58 63.95
C THR C 241 4.07 11.56 62.79
N ARG C 242 2.96 12.29 62.76
CA ARG C 242 2.66 13.22 61.68
C ARG C 242 3.69 14.35 61.61
N ASP C 243 4.17 14.62 60.41
CA ASP C 243 5.05 15.76 60.16
C ASP C 243 4.23 16.86 59.49
N LEU C 244 3.75 17.80 60.28
CA LEU C 244 2.84 18.84 59.81
C LEU C 244 3.44 19.80 58.76
N SER C 245 4.77 19.82 58.63
CA SER C 245 5.41 20.62 57.58
C SER C 245 5.28 19.96 56.20
N GLN C 246 4.82 18.72 56.15
CA GLN C 246 4.71 17.98 54.89
C GLN C 246 3.25 17.79 54.50
N LYS C 247 2.98 17.90 53.20
CA LYS C 247 1.67 17.54 52.66
C LYS C 247 1.43 16.05 52.89
N HIS C 248 0.24 15.70 53.37
CA HIS C 248 -0.13 14.31 53.59
C HIS C 248 -0.44 13.68 52.24
N GLY C 249 0.05 12.46 52.02
CA GLY C 249 -0.29 11.71 50.82
C GLY C 249 -1.74 11.27 50.87
N VAL C 250 -2.24 10.73 49.76
CA VAL C 250 -3.63 10.29 49.70
C VAL C 250 -3.78 8.91 49.04
N ILE C 251 -4.88 8.24 49.39
CA ILE C 251 -5.32 7.04 48.71
C ILE C 251 -6.54 7.34 47.85
N LEU C 252 -6.49 6.85 46.61
CA LEU C 252 -7.66 6.79 45.74
C LEU C 252 -7.99 5.33 45.50
N SER C 253 -9.16 4.90 45.93
CA SER C 253 -9.57 3.52 45.74
C SER C 253 -10.56 3.46 44.58
N THR C 254 -10.20 2.62 43.60
CA THR C 254 -10.98 2.43 42.39
C THR C 254 -10.99 0.93 42.10
N THR C 255 -11.55 0.16 43.03
CA THR C 255 -11.51 -1.31 42.93
C THR C 255 -12.81 -1.90 42.37
N GLY C 256 -13.68 -1.04 41.85
CA GLY C 256 -14.91 -1.50 41.22
C GLY C 256 -15.92 -2.05 42.20
N HIS C 257 -16.81 -2.90 41.68
CA HIS C 257 -17.85 -3.56 42.46
C HIS C 257 -17.81 -5.10 42.33
N ASP C 258 -17.06 -5.58 41.33
CA ASP C 258 -17.11 -6.95 40.86
C ASP C 258 -15.85 -7.69 41.32
N GLY C 259 -15.81 -9.01 41.09
CA GLY C 259 -14.57 -9.77 41.21
C GLY C 259 -14.20 -10.20 42.62
N PRO C 260 -13.01 -10.82 42.77
CA PRO C 260 -12.58 -11.38 44.06
C PRO C 260 -12.43 -10.36 45.18
N PHE C 261 -12.01 -9.13 44.84
CA PHE C 261 -11.77 -8.09 45.86
C PHE C 261 -12.57 -6.82 45.57
N GLY C 262 -13.70 -6.96 44.91
CA GLY C 262 -14.54 -5.80 44.56
C GLY C 262 -14.81 -4.87 45.74
N ALA C 263 -14.73 -3.56 45.48
CA ALA C 263 -15.04 -2.52 46.46
C ALA C 263 -14.26 -2.71 47.78
N PHE C 264 -12.99 -3.06 47.67
CA PHE C 264 -12.22 -3.42 48.84
C PHE C 264 -12.11 -2.32 49.91
N CYS C 265 -11.69 -1.13 49.51
CA CYS C 265 -11.45 -0.07 50.50
C CYS C 265 -12.74 0.49 51.10
N ALA C 266 -13.81 0.51 50.30
CA ALA C 266 -15.14 0.88 50.81
C ALA C 266 -15.54 -0.04 51.97
N LYS C 267 -15.42 -1.34 51.74
CA LYS C 267 -15.79 -2.33 52.75
C LYS C 267 -14.90 -2.22 53.98
N ARG C 268 -13.60 -2.02 53.79
CA ARG C 268 -12.69 -1.91 54.93
C ARG C 268 -12.96 -0.64 55.73
N ILE C 269 -13.22 0.46 55.02
CA ILE C 269 -13.51 1.74 55.68
C ILE C 269 -14.80 1.72 56.50
N VAL C 270 -15.86 1.10 55.99
CA VAL C 270 -17.12 1.04 56.75
C VAL C 270 -16.98 0.21 58.04
N ASP C 271 -15.96 -0.65 58.11
CA ASP C 271 -15.59 -1.27 59.40
C ASP C 271 -15.01 -0.24 60.36
N ILE C 272 -14.31 0.75 59.81
CA ILE C 272 -13.49 1.68 60.61
C ILE C 272 -14.30 2.79 61.31
N ASP C 273 -15.38 3.28 60.69
CA ASP C 273 -16.34 4.12 61.41
C ASP C 273 -17.70 3.44 61.45
N GLN C 274 -18.27 3.32 62.66
CA GLN C 274 -19.60 2.74 62.85
C GLN C 274 -20.69 3.66 62.30
N ASN C 275 -20.34 4.94 62.11
CA ASN C 275 -21.26 5.92 61.52
C ASN C 275 -21.62 5.66 60.05
N GLN C 276 -20.84 4.83 59.36
CA GLN C 276 -21.08 4.57 57.94
C GLN C 276 -21.28 3.09 57.62
N LYS C 277 -22.16 2.83 56.66
CA LYS C 277 -22.42 1.48 56.16
C LYS C 277 -22.31 1.46 54.64
N LEU C 278 -22.17 0.25 54.08
CA LEU C 278 -22.18 0.05 52.63
C LEU C 278 -23.58 0.27 52.09
N GLY C 279 -23.78 1.34 51.33
CA GLY C 279 -25.08 1.63 50.72
C GLY C 279 -25.61 0.45 49.92
N GLY C 280 -24.73 -0.20 49.17
CA GLY C 280 -25.11 -1.31 48.31
C GLY C 280 -25.58 -0.80 46.96
N MET C 281 -24.94 -1.28 45.90
CA MET C 281 -25.26 -0.86 44.53
C MET C 281 -26.70 -1.24 44.20
N LYS C 282 -27.45 -0.31 43.61
CA LYS C 282 -28.86 -0.55 43.27
C LYS C 282 -29.02 -1.00 41.82
N GLY C 283 -30.25 -0.97 41.31
CA GLY C 283 -30.55 -1.45 39.97
C GLY C 283 -29.97 -0.56 38.90
N LEU C 284 -30.03 -1.04 37.66
CA LEU C 284 -29.42 -0.32 36.54
C LEU C 284 -30.32 0.83 36.08
N ASP C 285 -29.74 2.02 36.03
CA ASP C 285 -30.45 3.23 35.59
C ASP C 285 -29.38 4.17 35.07
N MET C 286 -29.18 4.16 33.76
CA MET C 286 -28.01 4.83 33.16
C MET C 286 -27.97 6.32 33.44
N ASN C 287 -29.11 6.99 33.27
CA ASN C 287 -29.19 8.43 33.52
C ASN C 287 -28.78 8.79 34.94
N HIS C 288 -29.34 8.10 35.93
CA HIS C 288 -29.05 8.43 37.32
C HIS C 288 -27.70 7.88 37.79
N ALA C 289 -27.37 6.67 37.37
CA ALA C 289 -26.12 6.03 37.78
C ALA C 289 -24.91 6.84 37.37
N GLU C 290 -24.83 7.18 36.07
CA GLU C 290 -23.65 7.87 35.56
C GLU C 290 -23.52 9.26 36.15
N HIS C 291 -24.64 9.96 36.28
CA HIS C 291 -24.62 11.28 36.90
C HIS C 291 -24.08 11.19 38.32
N ASP C 292 -24.66 10.29 39.11
CA ASP C 292 -24.35 10.20 40.53
C ASP C 292 -22.92 9.72 40.81
N VAL C 293 -22.45 8.75 40.03
CA VAL C 293 -21.10 8.25 40.22
C VAL C 293 -20.07 9.36 39.98
N VAL C 294 -20.25 10.15 38.93
CA VAL C 294 -19.33 11.24 38.63
C VAL C 294 -19.34 12.27 39.76
N ILE C 295 -20.53 12.69 40.19
CA ILE C 295 -20.65 13.73 41.21
C ILE C 295 -20.22 13.28 42.61
N HIS C 296 -20.55 12.04 42.99
CA HIS C 296 -20.16 11.51 44.29
C HIS C 296 -18.68 11.11 44.39
N SER C 297 -17.99 11.00 43.26
CA SER C 297 -16.58 10.65 43.28
C SER C 297 -15.73 11.77 43.88
N GLY C 298 -14.61 11.38 44.48
CA GLY C 298 -13.70 12.32 45.13
C GLY C 298 -13.56 12.00 46.61
N ALA C 299 -13.39 13.04 47.42
CA ALA C 299 -13.10 12.88 48.83
C ALA C 299 -14.21 12.12 49.56
N TYR C 300 -13.81 11.17 50.40
CA TYR C 300 -14.73 10.47 51.25
C TYR C 300 -14.93 11.24 52.54
N ALA C 301 -16.18 11.41 52.95
CA ALA C 301 -16.51 12.14 54.18
C ALA C 301 -16.47 11.19 55.38
N GLY C 302 -15.53 11.40 56.29
CA GLY C 302 -15.47 10.63 57.52
C GLY C 302 -14.08 10.10 57.82
N VAL C 303 -13.30 9.89 56.76
CA VAL C 303 -11.89 9.52 56.86
C VAL C 303 -11.09 10.50 56.03
N ASP C 304 -9.96 10.95 56.60
CA ASP C 304 -9.13 11.96 55.96
C ASP C 304 -8.21 11.32 54.91
N ASN C 305 -7.87 12.09 53.88
CA ASN C 305 -6.91 11.70 52.84
C ASN C 305 -7.35 10.46 52.04
N MET C 306 -8.66 10.30 51.90
CA MET C 306 -9.25 9.12 51.28
C MET C 306 -10.19 9.54 50.15
N TYR C 307 -10.00 8.93 48.98
CA TYR C 307 -10.75 9.26 47.78
C TYR C 307 -11.26 8.01 47.09
N PHE C 308 -12.38 8.13 46.39
CA PHE C 308 -12.97 7.03 45.63
C PHE C 308 -13.36 7.51 44.23
N ALA C 309 -13.29 6.59 43.26
CA ALA C 309 -13.90 6.81 41.96
C ALA C 309 -14.41 5.50 41.38
N GLY C 310 -15.13 5.59 40.27
CA GLY C 310 -15.65 4.42 39.59
C GLY C 310 -16.75 3.72 40.34
N MET C 311 -16.96 2.44 40.04
CA MET C 311 -18.11 1.72 40.59
C MET C 311 -18.04 1.44 42.09
N GLU C 312 -16.84 1.52 42.67
CA GLU C 312 -16.72 1.43 44.13
C GLU C 312 -17.54 2.53 44.83
N VAL C 313 -17.64 3.70 44.19
CA VAL C 313 -18.46 4.80 44.68
C VAL C 313 -19.93 4.40 44.75
N ALA C 314 -20.41 3.68 43.74
CA ALA C 314 -21.79 3.22 43.69
C ALA C 314 -22.09 2.23 44.81
N GLU C 315 -21.12 1.37 45.10
CA GLU C 315 -21.26 0.39 46.18
C GLU C 315 -21.27 1.09 47.53
N LEU C 316 -20.42 2.09 47.69
CA LEU C 316 -20.27 2.81 48.96
C LEU C 316 -21.49 3.71 49.25
N ASP C 317 -21.91 4.47 48.25
CA ASP C 317 -22.97 5.47 48.42
C ASP C 317 -24.37 4.95 48.07
N GLY C 318 -24.47 3.68 47.69
CA GLY C 318 -25.76 3.07 47.36
C GLY C 318 -26.40 3.69 46.14
N LEU C 319 -25.63 3.80 45.05
CA LEU C 319 -26.11 4.41 43.81
C LEU C 319 -26.56 3.35 42.84
N ASN C 320 -27.21 3.79 41.76
CA ASN C 320 -27.55 2.91 40.66
C ASN C 320 -26.29 2.53 39.88
N ARG C 321 -26.43 1.50 39.05
CA ARG C 321 -25.38 1.06 38.16
C ARG C 321 -25.79 1.40 36.73
N MET C 322 -24.83 1.38 35.81
CA MET C 322 -25.08 1.79 34.41
C MET C 322 -24.91 0.69 33.36
N GLY C 323 -24.33 -0.45 33.75
CA GLY C 323 -24.07 -1.52 32.78
C GLY C 323 -22.98 -1.15 31.80
N PRO C 324 -23.12 -1.57 30.53
CA PRO C 324 -22.03 -1.47 29.57
C PRO C 324 -21.88 -0.08 28.91
N THR C 325 -21.68 0.95 29.73
CA THR C 325 -21.31 2.26 29.24
C THR C 325 -20.27 2.83 30.20
N PHE C 326 -19.31 3.58 29.67
CA PHE C 326 -18.05 3.85 30.39
C PHE C 326 -17.69 5.32 30.61
N GLY C 327 -18.52 6.25 30.15
CA GLY C 327 -18.26 7.68 30.33
C GLY C 327 -18.03 8.07 31.77
N ALA C 328 -18.88 7.56 32.66
CA ALA C 328 -18.80 7.92 34.08
C ALA C 328 -17.53 7.38 34.75
N MET C 329 -16.99 6.29 34.24
CA MET C 329 -15.75 5.75 34.79
C MET C 329 -14.60 6.71 34.53
N ALA C 330 -14.46 7.13 33.27
CA ALA C 330 -13.43 8.10 32.91
C ALA C 330 -13.60 9.42 33.65
N LEU C 331 -14.80 9.97 33.59
CA LEU C 331 -15.03 11.31 34.16
C LEU C 331 -15.08 11.36 35.69
N SER C 332 -15.47 10.25 36.33
CA SER C 332 -15.35 10.16 37.79
C SER C 332 -13.88 10.18 38.19
N GLY C 333 -13.04 9.51 37.40
CA GLY C 333 -11.59 9.56 37.59
C GLY C 333 -11.04 10.97 37.44
N VAL C 334 -11.54 11.71 36.45
CA VAL C 334 -11.15 13.12 36.24
C VAL C 334 -11.56 13.99 37.44
N HIS C 335 -12.80 13.82 37.87
CA HIS C 335 -13.32 14.57 39.03
C HIS C 335 -12.48 14.30 40.28
N ALA C 336 -12.23 13.02 40.55
CA ALA C 336 -11.37 12.63 41.68
C ALA C 336 -9.95 13.22 41.56
N ALA C 337 -9.38 13.13 40.35
CA ALA C 337 -8.07 13.73 40.08
C ALA C 337 -8.03 15.23 40.38
N GLU C 338 -9.09 15.94 40.00
CA GLU C 338 -9.17 17.40 40.26
C GLU C 338 -9.03 17.68 41.76
N GLN C 339 -9.80 16.98 42.58
CA GLN C 339 -9.79 17.18 44.01
C GLN C 339 -8.45 16.83 44.61
N ILE C 340 -7.86 15.73 44.16
CA ILE C 340 -6.54 15.31 44.63
C ILE C 340 -5.48 16.35 44.25
N LEU C 341 -5.51 16.83 43.01
CA LEU C 341 -4.58 17.88 42.59
C LEU C 341 -4.75 19.16 43.43
N LYS C 342 -5.99 19.51 43.73
CA LYS C 342 -6.24 20.70 44.55
C LYS C 342 -5.67 20.53 45.95
N HIS C 343 -5.77 19.32 46.49
CA HIS C 343 -5.17 18.99 47.78
C HIS C 343 -3.66 19.24 47.77
N PHE C 344 -2.98 18.83 46.70
CA PHE C 344 -1.52 18.99 46.61
C PHE C 344 -1.06 20.40 46.19
N ALA C 345 -1.97 21.26 45.74
CA ALA C 345 -1.60 22.61 45.29
C ALA C 345 -1.43 23.55 46.48
N VAL D 42 -4.44 23.70 37.83
CA VAL D 42 -5.21 22.43 37.74
C VAL D 42 -6.22 22.50 36.60
N THR D 43 -5.93 21.82 35.49
CA THR D 43 -6.86 21.75 34.36
C THR D 43 -6.99 20.34 33.82
N HIS D 44 -8.13 20.08 33.17
CA HIS D 44 -8.45 18.78 32.62
C HIS D 44 -9.42 18.94 31.45
N CYS D 45 -9.81 17.83 30.82
CA CYS D 45 -10.67 17.86 29.63
C CYS D 45 -12.01 18.58 29.80
N LEU D 46 -12.52 18.65 31.03
CA LEU D 46 -13.79 19.32 31.33
C LEU D 46 -13.67 20.70 31.99
N SER D 47 -12.46 21.25 32.08
CA SER D 47 -12.25 22.51 32.80
C SER D 47 -13.04 23.69 32.20
N ASP D 48 -13.25 23.69 30.89
CA ASP D 48 -14.05 24.72 30.22
C ASP D 48 -15.56 24.47 30.34
N ILE D 49 -15.95 23.23 30.59
CA ILE D 49 -17.37 22.83 30.58
C ILE D 49 -17.96 22.78 32.00
N VAL D 50 -17.20 22.28 32.96
CA VAL D 50 -17.65 22.21 34.35
C VAL D 50 -17.05 23.38 35.12
N LYS D 51 -17.91 24.27 35.61
CA LYS D 51 -17.47 25.52 36.25
C LYS D 51 -17.70 25.61 37.75
N LYS D 52 -18.54 24.74 38.30
CA LYS D 52 -18.73 24.68 39.74
C LYS D 52 -17.67 23.79 40.38
N GLU D 53 -17.12 24.21 41.50
CA GLU D 53 -16.14 23.42 42.24
C GLU D 53 -16.71 22.08 42.68
N ASP D 54 -18.01 22.05 42.97
CA ASP D 54 -18.68 20.82 43.41
C ASP D 54 -19.19 19.95 42.25
N TRP D 55 -18.93 20.37 41.01
CA TRP D 55 -19.37 19.67 39.80
C TRP D 55 -20.90 19.58 39.66
N SER D 56 -21.62 20.51 40.29
CA SER D 56 -23.08 20.50 40.27
C SER D 56 -23.65 20.90 38.91
N ASP D 57 -22.87 21.59 38.08
CA ASP D 57 -23.29 21.92 36.72
C ASP D 57 -22.93 20.83 35.69
N PHE D 58 -22.30 19.75 36.13
CA PHE D 58 -21.97 18.64 35.22
C PHE D 58 -23.22 17.87 34.81
N LYS D 59 -23.27 17.43 33.57
CA LYS D 59 -24.31 16.49 33.13
C LYS D 59 -23.91 15.75 31.86
N PHE D 60 -24.40 14.52 31.72
CA PHE D 60 -24.34 13.78 30.47
C PHE D 60 -25.58 14.09 29.68
N ALA D 61 -25.50 13.95 28.35
CA ALA D 61 -26.70 13.97 27.53
C ALA D 61 -27.51 12.72 27.87
N PRO D 62 -28.86 12.83 27.92
CA PRO D 62 -29.67 11.69 28.34
C PRO D 62 -29.50 10.47 27.41
N ILE D 63 -29.96 9.32 27.87
CA ILE D 63 -29.85 8.12 27.07
C ILE D 63 -30.88 7.07 27.46
N ARG D 64 -31.19 6.22 26.49
CA ARG D 64 -32.08 5.09 26.66
C ARG D 64 -31.21 3.83 26.67
N GLU D 65 -31.49 2.92 27.60
CA GLU D 65 -30.66 1.73 27.79
C GLU D 65 -30.49 0.90 26.51
N SER D 66 -31.57 0.69 25.78
CA SER D 66 -31.55 -0.08 24.52
C SER D 66 -30.66 0.53 23.43
N THR D 67 -30.48 1.84 23.45
CA THR D 67 -29.57 2.50 22.50
C THR D 67 -28.15 1.99 22.70
N VAL D 68 -27.76 1.83 23.96
CA VAL D 68 -26.44 1.32 24.32
C VAL D 68 -26.30 -0.14 23.88
N SER D 69 -27.28 -0.97 24.23
CA SER D 69 -27.26 -2.38 23.83
C SER D 69 -27.12 -2.53 22.29
N ARG D 70 -28.00 -1.86 21.55
CA ARG D 70 -27.97 -1.94 20.08
C ARG D 70 -26.67 -1.42 19.46
N ALA D 71 -26.11 -0.35 20.02
CA ALA D 71 -24.81 0.16 19.56
C ALA D 71 -23.72 -0.92 19.63
N MET D 72 -23.70 -1.68 20.72
CA MET D 72 -22.71 -2.75 20.91
C MET D 72 -22.99 -3.96 20.05
N THR D 73 -24.23 -4.42 20.07
CA THR D 73 -24.57 -5.68 19.39
C THR D 73 -24.50 -5.53 17.89
N SER D 74 -25.01 -4.40 17.37
CA SER D 74 -24.92 -4.14 15.93
C SER D 74 -23.49 -4.19 15.43
N ARG D 75 -22.58 -3.57 16.17
CA ARG D 75 -21.17 -3.54 15.78
C ARG D 75 -20.53 -4.92 15.86
N TYR D 76 -20.87 -5.69 16.89
CA TYR D 76 -20.30 -7.02 17.02
C TYR D 76 -20.75 -7.94 15.89
N PHE D 77 -22.02 -7.88 15.48
CA PHE D 77 -22.45 -8.70 14.36
C PHE D 77 -21.77 -8.28 13.05
N LYS D 78 -21.60 -6.99 12.85
CA LYS D 78 -20.90 -6.52 11.65
C LYS D 78 -19.48 -7.11 11.61
N ASP D 79 -18.81 -7.16 12.77
CA ASP D 79 -17.50 -7.80 12.88
C ASP D 79 -17.58 -9.28 12.51
N LEU D 80 -18.52 -10.00 13.12
CA LEU D 80 -18.69 -11.43 12.85
C LEU D 80 -18.96 -11.72 11.37
N ASP D 81 -19.78 -10.86 10.74
CA ASP D 81 -20.09 -10.98 9.33
C ASP D 81 -18.86 -10.69 8.45
N LYS D 82 -18.20 -9.57 8.72
CA LYS D 82 -17.01 -9.18 7.97
C LYS D 82 -15.88 -10.21 8.06
N PHE D 83 -15.60 -10.70 9.25
CA PHE D 83 -14.43 -11.55 9.46
C PHE D 83 -14.72 -13.06 9.37
N ALA D 84 -15.97 -13.41 9.03
CA ALA D 84 -16.36 -14.82 8.84
C ALA D 84 -15.47 -15.50 7.80
N VAL D 85 -14.99 -14.72 6.84
CA VAL D 85 -13.91 -15.12 5.95
C VAL D 85 -12.78 -14.11 6.15
N SER D 86 -11.63 -14.57 6.64
CA SER D 86 -10.50 -13.68 6.91
C SER D 86 -9.29 -14.07 6.07
N ASP D 87 -8.39 -13.11 5.86
CA ASP D 87 -7.17 -13.33 5.11
C ASP D 87 -6.08 -13.88 6.02
N VAL D 88 -5.95 -13.29 7.21
CA VAL D 88 -4.99 -13.75 8.20
C VAL D 88 -5.72 -13.98 9.53
N ILE D 89 -5.61 -15.20 10.05
CA ILE D 89 -6.12 -15.53 11.38
C ILE D 89 -4.92 -15.71 12.30
N ILE D 90 -4.85 -14.88 13.33
CA ILE D 90 -3.80 -14.96 14.33
C ILE D 90 -4.42 -15.53 15.60
N VAL D 91 -3.88 -16.66 16.04
CA VAL D 91 -4.34 -17.34 17.24
C VAL D 91 -3.41 -17.00 18.40
N GLY D 92 -3.91 -16.20 19.34
CA GLY D 92 -3.14 -15.82 20.52
C GLY D 92 -2.56 -14.41 20.42
N ALA D 93 -3.06 -13.51 21.27
CA ALA D 93 -2.64 -12.11 21.24
C ALA D 93 -1.63 -11.80 22.35
N GLY D 94 -0.52 -12.54 22.33
CA GLY D 94 0.62 -12.29 23.20
C GLY D 94 1.65 -11.44 22.46
N SER D 95 2.86 -11.37 22.99
CA SER D 95 3.91 -10.56 22.38
C SER D 95 4.20 -10.95 20.92
N SER D 96 4.32 -12.24 20.65
CA SER D 96 4.68 -12.68 19.29
C SER D 96 3.54 -12.44 18.28
N GLY D 97 2.32 -12.79 18.66
CA GLY D 97 1.16 -12.57 17.78
C GLY D 97 0.86 -11.10 17.50
N LEU D 98 0.96 -10.27 18.53
CA LEU D 98 0.69 -8.85 18.38
C LEU D 98 1.80 -8.16 17.58
N SER D 99 3.04 -8.56 17.81
CA SER D 99 4.15 -8.04 17.03
C SER D 99 3.96 -8.37 15.55
N ALA D 100 3.63 -9.63 15.27
CA ALA D 100 3.34 -10.05 13.91
C ALA D 100 2.14 -9.31 13.33
N ALA D 101 1.08 -9.15 14.11
CA ALA D 101 -0.12 -8.43 13.66
C ALA D 101 0.19 -7.01 13.23
N TYR D 102 1.01 -6.31 14.02
CA TYR D 102 1.40 -4.95 13.70
C TYR D 102 2.11 -4.88 12.35
N VAL D 103 3.10 -5.74 12.14
CA VAL D 103 3.88 -5.70 10.90
C VAL D 103 3.02 -6.04 9.68
N ILE D 104 2.17 -7.05 9.82
CA ILE D 104 1.32 -7.49 8.71
C ILE D 104 0.33 -6.39 8.34
N ALA D 105 -0.44 -5.93 9.31
CA ALA D 105 -1.52 -4.98 9.04
C ALA D 105 -0.99 -3.61 8.61
N LYS D 106 0.12 -3.18 9.20
CA LYS D 106 0.75 -1.90 8.83
C LYS D 106 1.22 -1.92 7.38
N ASN D 107 1.81 -3.03 6.96
CA ASN D 107 2.27 -3.19 5.58
C ASN D 107 1.13 -3.44 4.59
N ARG D 108 0.09 -4.15 5.02
CA ARG D 108 -1.06 -4.45 4.15
C ARG D 108 -2.38 -4.11 4.84
N PRO D 109 -2.74 -2.82 4.87
CA PRO D 109 -3.97 -2.37 5.52
C PRO D 109 -5.25 -2.95 4.92
N ASP D 110 -5.15 -3.49 3.71
CA ASP D 110 -6.30 -4.07 3.00
C ASP D 110 -6.65 -5.49 3.47
N LEU D 111 -5.71 -6.21 4.07
CA LEU D 111 -5.98 -7.59 4.51
C LEU D 111 -6.83 -7.63 5.77
N LYS D 112 -7.79 -8.55 5.81
CA LYS D 112 -8.57 -8.79 7.01
C LYS D 112 -7.75 -9.64 7.98
N VAL D 113 -7.32 -9.02 9.07
CA VAL D 113 -6.50 -9.67 10.11
C VAL D 113 -7.37 -9.91 11.35
N CYS D 114 -7.65 -11.18 11.60
CA CYS D 114 -8.55 -11.61 12.65
C CYS D 114 -7.74 -12.19 13.80
N ILE D 115 -7.73 -11.52 14.94
CA ILE D 115 -6.95 -11.97 16.10
C ILE D 115 -7.88 -12.62 17.12
N ILE D 116 -7.67 -13.92 17.39
CA ILE D 116 -8.49 -14.66 18.35
C ILE D 116 -7.71 -14.84 19.65
N GLU D 117 -8.25 -14.33 20.75
CA GLU D 117 -7.60 -14.35 22.06
C GLU D 117 -8.53 -14.93 23.13
N SER D 118 -8.10 -16.04 23.74
CA SER D 118 -8.92 -16.77 24.68
C SER D 118 -9.21 -16.01 25.99
N SER D 119 -8.24 -15.23 26.47
CA SER D 119 -8.42 -14.48 27.70
C SER D 119 -9.23 -13.20 27.46
N VAL D 120 -9.76 -12.64 28.54
CA VAL D 120 -10.44 -11.34 28.50
C VAL D 120 -9.42 -10.26 28.16
N ALA D 121 -8.36 -10.21 28.94
CA ALA D 121 -7.23 -9.31 28.66
C ALA D 121 -6.27 -9.97 27.66
N PRO D 122 -5.98 -9.29 26.55
CA PRO D 122 -4.92 -9.76 25.67
C PRO D 122 -3.54 -9.50 26.27
N GLY D 123 -2.48 -9.92 25.59
CA GLY D 123 -1.12 -9.63 26.03
C GLY D 123 -0.36 -10.81 26.57
N GLY D 124 -1.07 -11.88 26.91
CA GLY D 124 -0.45 -13.13 27.33
C GLY D 124 0.48 -12.95 28.53
N GLY D 125 1.74 -13.36 28.35
CA GLY D 125 2.71 -13.34 29.43
C GLY D 125 3.62 -12.12 29.45
N SER D 126 3.19 -11.04 28.81
CA SER D 126 4.01 -9.83 28.66
C SER D 126 3.56 -8.66 29.52
N TRP D 127 2.73 -8.92 30.55
CA TRP D 127 2.35 -7.89 31.52
C TRP D 127 3.35 -7.79 32.67
N LEU D 128 4.23 -8.78 32.76
CA LEU D 128 5.23 -8.84 33.81
C LEU D 128 6.53 -9.31 33.22
N GLY D 129 7.63 -9.03 33.92
CA GLY D 129 8.88 -9.73 33.71
C GLY D 129 8.84 -11.07 34.42
N GLY D 130 9.96 -11.46 35.01
CA GLY D 130 10.07 -12.73 35.73
C GLY D 130 9.82 -12.60 37.22
N GLN D 131 9.25 -13.67 37.80
CA GLN D 131 8.99 -13.76 39.23
C GLN D 131 8.14 -12.61 39.76
N LEU D 132 7.17 -12.19 38.93
CA LEU D 132 6.25 -11.08 39.20
C LEU D 132 6.92 -9.70 39.24
N PHE D 133 8.18 -9.60 38.84
CA PHE D 133 8.86 -8.31 38.72
C PHE D 133 8.52 -7.67 37.37
N SER D 134 8.89 -6.40 37.18
CA SER D 134 8.33 -5.59 36.10
C SER D 134 9.15 -5.46 34.81
N ALA D 135 10.45 -5.28 34.95
CA ALA D 135 11.29 -4.89 33.81
C ALA D 135 11.32 -5.93 32.69
N MET D 136 11.25 -5.44 31.45
CA MET D 136 11.28 -6.29 30.27
C MET D 136 12.60 -6.10 29.54
N VAL D 137 13.45 -7.13 29.62
CA VAL D 137 14.75 -7.13 28.96
C VAL D 137 14.60 -7.61 27.52
N MET D 138 15.08 -6.79 26.59
CA MET D 138 15.12 -7.15 25.17
C MET D 138 16.51 -6.97 24.59
N ARG D 139 17.07 -8.04 24.03
CA ARG D 139 18.41 -7.97 23.45
C ARG D 139 18.36 -7.32 22.07
N LYS D 140 19.39 -6.55 21.74
CA LYS D 140 19.47 -5.91 20.43
C LYS D 140 19.62 -7.01 19.39
N PRO D 141 19.04 -6.84 18.20
CA PRO D 141 18.41 -5.65 17.62
C PRO D 141 16.89 -5.48 17.86
N ALA D 142 16.34 -6.06 18.91
CA ALA D 142 14.91 -5.86 19.22
C ALA D 142 14.55 -4.40 19.56
N HIS D 143 15.54 -3.62 19.98
CA HIS D 143 15.35 -2.18 20.21
C HIS D 143 14.87 -1.41 18.97
N LEU D 144 15.17 -1.94 17.78
CA LEU D 144 14.69 -1.34 16.53
C LEU D 144 13.18 -1.47 16.39
N PHE D 145 12.61 -2.53 16.95
CA PHE D 145 11.15 -2.70 16.96
C PHE D 145 10.54 -1.71 17.96
N LEU D 146 11.19 -1.54 19.10
CA LEU D 146 10.75 -0.57 20.12
C LEU D 146 10.77 0.85 19.57
N GLN D 147 11.82 1.19 18.83
CA GLN D 147 11.93 2.51 18.19
C GLN D 147 10.78 2.75 17.23
N GLU D 148 10.48 1.76 16.39
CA GLU D 148 9.36 1.83 15.45
C GLU D 148 8.03 2.07 16.16
N LEU D 149 7.83 1.42 17.30
CA LEU D 149 6.60 1.58 18.09
C LEU D 149 6.65 2.78 19.03
N GLU D 150 7.76 3.51 19.01
CA GLU D 150 7.95 4.65 19.91
C GLU D 150 7.77 4.25 21.38
N ILE D 151 8.33 3.11 21.73
CA ILE D 151 8.34 2.64 23.11
C ILE D 151 9.69 3.01 23.71
N PRO D 152 9.69 3.84 24.77
CA PRO D 152 10.95 4.22 25.38
C PRO D 152 11.61 3.06 26.11
N TYR D 153 12.92 3.13 26.25
CA TYR D 153 13.69 2.09 26.90
C TYR D 153 14.98 2.64 27.49
N GLU D 154 15.63 1.81 28.30
CA GLU D 154 16.93 2.13 28.89
C GLU D 154 17.98 1.30 28.19
N ASP D 155 18.95 1.97 27.56
CA ASP D 155 19.99 1.29 26.79
C ASP D 155 21.11 0.80 27.71
N GLU D 156 21.33 -0.50 27.73
CA GLU D 156 22.41 -1.09 28.52
C GLU D 156 23.48 -1.71 27.65
N GLY D 157 23.58 -1.27 26.40
CA GLY D 157 24.62 -1.75 25.47
C GLY D 157 24.13 -2.84 24.53
N ASP D 158 24.35 -4.10 24.91
CA ASP D 158 23.93 -5.24 24.08
C ASP D 158 22.44 -5.55 24.21
N TYR D 159 21.82 -5.03 25.27
CA TYR D 159 20.39 -5.21 25.50
C TYR D 159 19.77 -3.90 25.98
N VAL D 160 18.46 -3.83 25.92
CA VAL D 160 17.73 -2.69 26.45
C VAL D 160 16.65 -3.18 27.43
N VAL D 161 16.14 -2.25 28.22
CA VAL D 161 15.11 -2.56 29.20
C VAL D 161 13.95 -1.57 29.07
N VAL D 162 12.75 -2.10 28.88
CA VAL D 162 11.53 -1.33 28.97
C VAL D 162 11.16 -1.36 30.46
N LYS D 163 10.90 -0.19 31.03
CA LYS D 163 10.76 -0.08 32.50
C LYS D 163 9.62 -0.91 33.08
N HIS D 164 8.62 -1.21 32.25
CA HIS D 164 7.58 -2.17 32.63
C HIS D 164 7.15 -2.92 31.38
N ALA D 165 7.13 -4.26 31.47
CA ALA D 165 6.58 -5.10 30.43
C ALA D 165 5.21 -4.59 29.94
N ALA D 166 4.36 -4.20 30.88
CA ALA D 166 3.04 -3.61 30.59
C ALA D 166 3.09 -2.43 29.62
N LEU D 167 4.19 -1.67 29.64
CA LEU D 167 4.35 -0.54 28.71
C LEU D 167 4.56 -1.03 27.29
N PHE D 168 5.34 -2.09 27.12
CA PHE D 168 5.53 -2.67 25.80
C PHE D 168 4.20 -3.16 25.24
N ILE D 169 3.52 -4.01 25.99
CA ILE D 169 2.36 -4.71 25.48
C ILE D 169 1.13 -3.80 25.30
N SER D 170 0.91 -2.86 26.22
CA SER D 170 -0.18 -1.88 26.06
C SER D 170 0.05 -0.99 24.83
N THR D 171 1.29 -0.57 24.61
CA THR D 171 1.63 0.24 23.43
C THR D 171 1.41 -0.55 22.13
N VAL D 172 1.89 -1.78 22.07
CA VAL D 172 1.70 -2.59 20.86
C VAL D 172 0.20 -2.83 20.62
N LEU D 173 -0.52 -3.19 21.68
CA LEU D 173 -1.98 -3.35 21.59
C LEU D 173 -2.66 -2.12 21.01
N SER D 174 -2.37 -0.97 21.60
CA SER D 174 -2.97 0.30 21.18
C SER D 174 -2.72 0.55 19.69
N LYS D 175 -1.50 0.30 19.24
CA LYS D 175 -1.16 0.60 17.85
C LYS D 175 -1.73 -0.41 16.87
N VAL D 176 -1.80 -1.67 17.28
CA VAL D 176 -2.41 -2.71 16.45
C VAL D 176 -3.92 -2.49 16.31
N LEU D 177 -4.57 -2.17 17.42
CA LEU D 177 -6.03 -2.05 17.46
C LEU D 177 -6.56 -0.86 16.66
N GLN D 178 -5.74 0.18 16.54
CA GLN D 178 -6.10 1.35 15.73
C GLN D 178 -6.19 1.07 14.24
N LEU D 179 -5.57 -0.01 13.75
CA LEU D 179 -5.53 -0.28 12.32
C LEU D 179 -6.92 -0.70 11.81
N PRO D 180 -7.26 -0.32 10.56
CA PRO D 180 -8.63 -0.42 10.05
C PRO D 180 -9.18 -1.82 9.83
N ASN D 181 -8.34 -2.78 9.45
CA ASN D 181 -8.83 -4.13 9.13
C ASN D 181 -8.32 -5.20 10.10
N VAL D 182 -7.96 -4.77 11.31
CA VAL D 182 -7.63 -5.69 12.41
C VAL D 182 -8.84 -5.82 13.31
N LYS D 183 -9.21 -7.04 13.66
CA LYS D 183 -10.25 -7.27 14.66
C LYS D 183 -9.70 -8.16 15.78
N LEU D 184 -9.92 -7.74 17.02
CA LEU D 184 -9.59 -8.55 18.19
C LEU D 184 -10.84 -9.19 18.77
N PHE D 185 -11.01 -10.49 18.51
CA PHE D 185 -12.03 -11.27 19.18
C PHE D 185 -11.42 -11.85 20.46
N ASN D 186 -11.49 -11.10 21.55
CA ASN D 186 -11.02 -11.60 22.84
C ASN D 186 -12.14 -12.38 23.55
N ALA D 187 -11.81 -13.02 24.66
CA ALA D 187 -12.74 -13.95 25.34
C ALA D 187 -13.23 -15.08 24.42
N THR D 188 -12.44 -15.39 23.38
CA THR D 188 -12.80 -16.33 22.33
C THR D 188 -11.61 -17.25 22.10
N CYS D 189 -11.89 -18.55 22.04
N CYS D 189 -11.84 -18.56 22.08
CA CYS D 189 -10.87 -19.61 21.99
CA CYS D 189 -10.73 -19.50 21.92
C CYS D 189 -10.93 -20.38 20.66
C CYS D 189 -10.91 -20.38 20.70
N VAL D 190 -9.79 -20.70 20.07
CA VAL D 190 -9.75 -21.65 18.97
C VAL D 190 -9.71 -23.01 19.64
N GLU D 191 -10.66 -23.87 19.33
CA GLU D 191 -10.71 -25.20 19.93
C GLU D 191 -10.52 -26.32 18.92
N ASP D 192 -10.42 -25.98 17.62
CA ASP D 192 -10.11 -26.96 16.58
C ASP D 192 -9.73 -26.22 15.29
N LEU D 193 -9.36 -26.98 14.26
CA LEU D 193 -9.07 -26.43 12.95
C LEU D 193 -10.12 -26.85 11.94
N VAL D 194 -10.39 -25.95 10.99
CA VAL D 194 -11.14 -26.29 9.79
C VAL D 194 -10.10 -26.81 8.80
N THR D 195 -10.41 -27.94 8.18
CA THR D 195 -9.46 -28.57 7.27
C THR D 195 -10.07 -28.92 5.93
N ARG D 196 -9.19 -29.30 5.01
CA ARG D 196 -9.59 -29.91 3.75
C ARG D 196 -8.76 -31.18 3.59
N PRO D 197 -9.18 -32.09 2.70
CA PRO D 197 -8.43 -33.35 2.61
C PRO D 197 -6.95 -33.18 2.28
N PRO D 198 -6.12 -34.20 2.59
CA PRO D 198 -4.69 -34.19 2.29
C PRO D 198 -4.35 -33.79 0.85
N THR D 199 -3.16 -33.21 0.67
CA THR D 199 -2.62 -32.90 -0.65
C THR D 199 -1.14 -33.28 -0.67
N GLU D 200 -0.46 -32.98 -1.77
CA GLU D 200 0.98 -33.20 -1.85
C GLU D 200 1.78 -32.40 -0.79
N LYS D 201 1.22 -31.29 -0.31
CA LYS D 201 1.86 -30.47 0.73
C LYS D 201 1.84 -31.11 2.12
N GLY D 202 1.02 -32.15 2.29
CA GLY D 202 0.97 -32.91 3.54
C GLY D 202 -0.42 -33.37 3.92
N GLU D 203 -0.50 -34.07 5.05
CA GLU D 203 -1.74 -34.64 5.54
C GLU D 203 -2.77 -33.57 5.95
N VAL D 204 -2.29 -32.53 6.63
CA VAL D 204 -3.16 -31.48 7.16
C VAL D 204 -3.20 -30.28 6.21
N THR D 205 -4.39 -29.99 5.70
CA THR D 205 -4.65 -28.80 4.88
C THR D 205 -5.56 -27.85 5.68
N VAL D 206 -5.06 -26.69 6.10
CA VAL D 206 -5.87 -25.76 6.91
C VAL D 206 -6.76 -24.83 6.07
N ALA D 207 -7.99 -24.63 6.55
CA ALA D 207 -8.98 -23.81 5.87
C ALA D 207 -9.74 -22.84 6.80
N GLY D 208 -9.28 -22.73 8.04
CA GLY D 208 -9.96 -21.89 9.04
C GLY D 208 -9.78 -22.42 10.44
N VAL D 209 -10.46 -21.79 11.39
CA VAL D 209 -10.45 -22.22 12.78
C VAL D 209 -11.87 -22.40 13.32
N VAL D 210 -11.95 -23.19 14.38
CA VAL D 210 -13.20 -23.49 15.06
C VAL D 210 -13.15 -22.76 16.38
N THR D 211 -14.17 -21.94 16.63
CA THR D 211 -14.14 -20.98 17.72
C THR D 211 -15.28 -21.20 18.71
N ASN D 212 -15.08 -20.69 19.91
CA ASN D 212 -16.15 -20.59 20.88
C ASN D 212 -15.79 -19.57 21.93
N TRP D 213 -16.76 -19.17 22.74
CA TRP D 213 -16.44 -18.39 23.92
C TRP D 213 -15.57 -19.27 24.81
N THR D 214 -14.47 -18.72 25.30
CA THR D 214 -13.53 -19.49 26.13
C THR D 214 -14.23 -20.19 27.31
N LEU D 215 -15.16 -19.49 27.95
CA LEU D 215 -15.88 -20.04 29.09
C LEU D 215 -16.73 -21.25 28.71
N VAL D 216 -17.21 -21.29 27.45
CA VAL D 216 -17.88 -22.48 26.93
C VAL D 216 -16.89 -23.62 26.75
N THR D 217 -15.75 -23.33 26.11
CA THR D 217 -14.70 -24.32 25.90
C THR D 217 -14.25 -24.96 27.21
N GLN D 218 -14.11 -24.13 28.24
CA GLN D 218 -13.69 -24.60 29.55
C GLN D 218 -14.78 -25.39 30.28
N ALA D 219 -15.98 -25.45 29.69
CA ALA D 219 -17.08 -26.27 30.21
C ALA D 219 -17.44 -27.48 29.33
N HIS D 220 -16.62 -27.79 28.33
CA HIS D 220 -16.89 -28.93 27.43
C HIS D 220 -16.89 -30.28 28.15
N GLY D 221 -16.27 -30.34 29.33
CA GLY D 221 -16.31 -31.53 30.16
C GLY D 221 -17.64 -31.76 30.89
N THR D 222 -18.54 -30.78 30.81
CA THR D 222 -19.87 -30.89 31.42
C THR D 222 -20.96 -30.75 30.36
N CYS D 224 -25.56 -29.44 29.27
CA CYS D 224 -25.78 -29.89 27.90
C CYS D 224 -24.70 -29.31 26.95
N SER D 225 -24.33 -30.09 25.94
CA SER D 225 -23.22 -29.75 25.04
C SER D 225 -23.48 -28.46 24.22
N MET D 226 -22.41 -27.73 23.90
CA MET D 226 -22.51 -26.41 23.28
C MET D 226 -21.61 -26.28 22.05
N ASP D 227 -22.21 -26.23 20.86
CA ASP D 227 -21.43 -26.20 19.61
C ASP D 227 -20.58 -24.94 19.43
N PRO D 228 -19.52 -25.05 18.60
CA PRO D 228 -18.66 -23.93 18.25
C PRO D 228 -19.18 -23.12 17.07
N ASN D 229 -18.47 -22.04 16.76
CA ASN D 229 -18.63 -21.31 15.50
C ASN D 229 -17.42 -21.62 14.63
N VAL D 230 -17.34 -20.98 13.46
N VAL D 230 -17.34 -20.99 13.46
CA VAL D 230 -16.22 -21.16 12.54
CA VAL D 230 -16.20 -21.15 12.57
C VAL D 230 -15.79 -19.82 11.97
C VAL D 230 -15.79 -19.82 11.97
N ILE D 231 -14.48 -19.68 11.73
CA ILE D 231 -13.94 -18.55 10.96
C ILE D 231 -13.15 -19.20 9.82
N GLU D 232 -13.47 -18.81 8.59
CA GLU D 232 -12.93 -19.45 7.39
C GLU D 232 -11.79 -18.62 6.82
N LEU D 233 -10.82 -19.29 6.20
CA LEU D 233 -9.76 -18.58 5.47
C LEU D 233 -10.23 -18.24 4.06
N ALA D 234 -9.76 -17.13 3.53
CA ALA D 234 -9.99 -16.78 2.14
C ALA D 234 -9.48 -17.91 1.25
N GLY D 235 -10.18 -18.15 0.14
CA GLY D 235 -9.69 -19.07 -0.90
C GLY D 235 -10.64 -20.14 -1.38
N TYR D 236 -11.87 -20.16 -0.85
CA TYR D 236 -12.85 -21.19 -1.20
C TYR D 236 -14.10 -20.60 -1.83
N LYS D 237 -14.78 -21.43 -2.61
CA LYS D 237 -16.01 -21.06 -3.30
C LYS D 237 -17.22 -21.39 -2.44
N ASN D 238 -18.40 -21.05 -2.96
CA ASN D 238 -19.66 -21.32 -2.26
C ASN D 238 -19.94 -22.80 -2.01
N ASP D 239 -19.42 -23.67 -2.87
CA ASP D 239 -19.57 -25.12 -2.67
C ASP D 239 -18.52 -25.70 -1.71
N GLY D 240 -17.64 -24.86 -1.19
CA GLY D 240 -16.66 -25.27 -0.19
C GLY D 240 -15.32 -25.70 -0.76
N THR D 241 -15.19 -25.73 -2.09
CA THR D 241 -13.95 -26.18 -2.74
C THR D 241 -13.01 -25.03 -3.02
N ARG D 242 -11.74 -25.36 -3.20
CA ARG D 242 -10.69 -24.39 -3.44
C ARG D 242 -10.95 -23.61 -4.74
N ASP D 243 -10.82 -22.28 -4.67
CA ASP D 243 -10.81 -21.43 -5.84
C ASP D 243 -9.36 -21.02 -6.10
N LEU D 244 -8.70 -21.74 -7.00
CA LEU D 244 -7.28 -21.53 -7.28
C LEU D 244 -6.92 -20.16 -7.85
N SER D 245 -7.92 -19.44 -8.35
CA SER D 245 -7.69 -18.06 -8.82
C SER D 245 -7.46 -17.11 -7.65
N GLN D 246 -7.94 -17.49 -6.47
CA GLN D 246 -7.86 -16.65 -5.27
C GLN D 246 -6.67 -17.02 -4.40
N LYS D 247 -6.09 -16.02 -3.74
CA LYS D 247 -5.04 -16.24 -2.76
C LYS D 247 -5.63 -16.94 -1.53
N HIS D 248 -4.95 -17.96 -1.03
CA HIS D 248 -5.38 -18.66 0.18
C HIS D 248 -5.02 -17.84 1.41
N GLY D 249 -5.94 -17.73 2.36
CA GLY D 249 -5.64 -17.11 3.65
C GLY D 249 -4.65 -17.94 4.45
N VAL D 250 -4.12 -17.38 5.54
CA VAL D 250 -3.16 -18.10 6.37
C VAL D 250 -3.53 -18.05 7.86
N ILE D 251 -3.07 -19.05 8.59
CA ILE D 251 -3.13 -19.07 10.04
C ILE D 251 -1.73 -18.84 10.58
N LEU D 252 -1.62 -17.90 11.51
CA LEU D 252 -0.43 -17.75 12.33
C LEU D 252 -0.81 -18.11 13.76
N SER D 253 -0.20 -19.17 14.28
CA SER D 253 -0.47 -19.60 15.65
C SER D 253 0.65 -19.12 16.57
N THR D 254 0.25 -18.36 17.59
CA THR D 254 1.16 -17.79 18.56
C THR D 254 0.55 -17.97 19.95
N THR D 255 0.34 -19.23 20.36
CA THR D 255 -0.37 -19.54 21.60
C THR D 255 0.58 -19.87 22.76
N GLY D 256 1.86 -19.58 22.60
CA GLY D 256 2.82 -19.81 23.67
C GLY D 256 3.04 -21.29 23.99
N HIS D 257 3.56 -21.53 25.19
CA HIS D 257 3.84 -22.88 25.66
C HIS D 257 3.02 -23.22 26.90
N ASP D 258 2.49 -22.19 27.56
CA ASP D 258 2.01 -22.25 28.94
C ASP D 258 0.50 -22.14 28.98
N GLY D 259 -0.07 -22.34 30.16
CA GLY D 259 -1.49 -22.04 30.38
C GLY D 259 -2.45 -23.11 29.88
N PRO D 260 -3.76 -22.83 29.99
CA PRO D 260 -4.81 -23.82 29.68
C PRO D 260 -4.77 -24.36 28.26
N PHE D 261 -4.43 -23.51 27.28
CA PHE D 261 -4.44 -23.92 25.87
C PHE D 261 -3.10 -23.69 25.18
N GLY D 262 -2.01 -23.69 25.93
CA GLY D 262 -0.68 -23.44 25.38
C GLY D 262 -0.35 -24.34 24.21
N ALA D 263 0.29 -23.78 23.18
CA ALA D 263 0.74 -24.52 22.00
C ALA D 263 -0.39 -25.27 21.31
N PHE D 264 -1.55 -24.63 21.19
CA PHE D 264 -2.74 -25.33 20.71
C PHE D 264 -2.65 -25.89 19.28
N CYS D 265 -2.21 -25.07 18.32
CA CYS D 265 -2.23 -25.52 16.92
C CYS D 265 -1.14 -26.53 16.64
N ALA D 266 -0.01 -26.41 17.34
CA ALA D 266 1.06 -27.40 17.25
C ALA D 266 0.57 -28.77 17.70
N LYS D 267 -0.11 -28.82 18.84
CA LYS D 267 -0.66 -30.07 19.36
C LYS D 267 -1.74 -30.64 18.45
N ARG D 268 -2.60 -29.77 17.91
CA ARG D 268 -3.69 -30.24 17.05
C ARG D 268 -3.16 -30.78 15.71
N ILE D 269 -2.17 -30.11 15.12
CA ILE D 269 -1.54 -30.58 13.88
C ILE D 269 -0.85 -31.93 14.11
N VAL D 270 -0.08 -32.03 15.18
CA VAL D 270 0.56 -33.28 15.60
C VAL D 270 -0.47 -34.38 15.86
N ASP D 271 -1.58 -34.01 16.51
CA ASP D 271 -2.64 -34.96 16.85
C ASP D 271 -3.34 -35.51 15.62
N ILE D 272 -3.52 -34.67 14.60
CA ILE D 272 -4.17 -35.09 13.36
C ILE D 272 -3.21 -35.88 12.47
N ASP D 273 -1.97 -35.40 12.39
CA ASP D 273 -0.97 -35.98 11.49
C ASP D 273 0.12 -36.71 12.29
N GLN D 274 0.11 -38.04 12.26
CA GLN D 274 1.08 -38.84 13.00
C GLN D 274 2.44 -38.97 12.27
N ASN D 275 2.60 -38.26 11.16
CA ASN D 275 3.92 -38.06 10.55
C ASN D 275 4.75 -37.07 11.38
N GLN D 276 4.07 -36.10 11.99
CA GLN D 276 4.72 -35.05 12.76
C GLN D 276 4.72 -35.37 14.25
N LYS D 277 5.73 -34.85 14.96
CA LYS D 277 5.87 -35.03 16.39
C LYS D 277 6.13 -33.70 17.09
N LEU D 278 5.62 -33.59 18.31
CA LEU D 278 5.84 -32.41 19.14
C LEU D 278 7.22 -32.53 19.78
N GLY D 279 8.14 -31.67 19.37
CA GLY D 279 9.53 -31.72 19.86
C GLY D 279 9.63 -31.66 21.37
N GLY D 280 8.85 -30.77 21.98
CA GLY D 280 8.88 -30.57 23.42
C GLY D 280 9.94 -29.55 23.79
N MET D 281 9.51 -28.49 24.48
CA MET D 281 10.39 -27.40 24.90
C MET D 281 11.48 -27.92 25.82
N LYS D 282 12.74 -27.56 25.53
CA LYS D 282 13.88 -28.06 26.29
C LYS D 282 14.23 -27.10 27.44
N GLY D 283 15.43 -27.27 28.02
CA GLY D 283 15.86 -26.44 29.14
C GLY D 283 16.14 -25.00 28.74
N LEU D 284 16.33 -24.15 29.74
CA LEU D 284 16.57 -22.73 29.51
C LEU D 284 18.01 -22.45 29.09
N ASP D 285 18.15 -21.82 27.93
CA ASP D 285 19.46 -21.46 27.36
C ASP D 285 19.18 -20.25 26.46
N MET D 286 19.50 -19.05 26.96
CA MET D 286 19.08 -17.83 26.29
C MET D 286 19.68 -17.65 24.91
N ASN D 287 20.99 -17.84 24.79
CA ASN D 287 21.67 -17.70 23.50
C ASN D 287 21.05 -18.58 22.42
N HIS D 288 20.90 -19.87 22.71
CA HIS D 288 20.38 -20.80 21.71
C HIS D 288 18.88 -20.69 21.51
N ALA D 289 18.12 -20.53 22.60
CA ALA D 289 16.65 -20.41 22.51
C ALA D 289 16.22 -19.22 21.67
N GLU D 290 16.72 -18.03 22.00
CA GLU D 290 16.29 -16.82 21.29
C GLU D 290 16.68 -16.84 19.82
N HIS D 291 17.90 -17.30 19.53
CA HIS D 291 18.31 -17.47 18.14
C HIS D 291 17.39 -18.43 17.38
N ASP D 292 17.21 -19.63 17.92
CA ASP D 292 16.44 -20.66 17.23
C ASP D 292 14.98 -20.29 17.07
N VAL D 293 14.36 -19.71 18.11
CA VAL D 293 12.96 -19.32 18.02
C VAL D 293 12.75 -18.32 16.89
N VAL D 294 13.61 -17.30 16.78
CA VAL D 294 13.51 -16.34 15.69
C VAL D 294 13.66 -17.05 14.33
N ILE D 295 14.70 -17.87 14.21
CA ILE D 295 15.03 -18.53 12.94
C ILE D 295 13.97 -19.54 12.50
N HIS D 296 13.46 -20.31 13.45
CA HIS D 296 12.47 -21.34 13.16
C HIS D 296 11.05 -20.80 12.95
N SER D 297 10.81 -19.55 13.33
CA SER D 297 9.48 -18.96 13.16
C SER D 297 9.15 -18.73 11.70
N GLY D 298 7.87 -18.82 11.38
CA GLY D 298 7.39 -18.65 10.02
C GLY D 298 6.64 -19.89 9.55
N ALA D 299 6.71 -20.16 8.25
CA ALA D 299 5.97 -21.28 7.65
C ALA D 299 6.34 -22.61 8.28
N TYR D 300 5.32 -23.40 8.64
CA TYR D 300 5.54 -24.76 9.11
C TYR D 300 5.70 -25.66 7.89
N ALA D 301 6.78 -26.44 7.88
CA ALA D 301 7.16 -27.24 6.72
C ALA D 301 6.09 -28.25 6.27
N GLY D 302 5.47 -28.93 7.23
CA GLY D 302 4.52 -30.00 6.91
C GLY D 302 3.08 -29.62 6.59
N VAL D 303 2.74 -28.34 6.72
CA VAL D 303 1.36 -27.87 6.47
C VAL D 303 1.37 -26.57 5.69
N ASP D 304 0.57 -26.51 4.63
CA ASP D 304 0.48 -25.33 3.78
C ASP D 304 -0.28 -24.23 4.50
N ASN D 305 0.07 -22.97 4.24
CA ASN D 305 -0.68 -21.82 4.78
C ASN D 305 -0.74 -21.76 6.31
N MET D 306 0.25 -22.35 6.97
CA MET D 306 0.29 -22.45 8.42
C MET D 306 1.62 -21.88 8.90
N TYR D 307 1.54 -20.97 9.86
CA TYR D 307 2.69 -20.25 10.37
C TYR D 307 2.72 -20.28 11.90
N PHE D 308 3.92 -20.25 12.47
CA PHE D 308 4.10 -20.17 13.92
C PHE D 308 5.10 -19.08 14.29
N ALA D 309 4.90 -18.50 15.47
CA ALA D 309 5.91 -17.64 16.09
C ALA D 309 5.83 -17.74 17.61
N GLY D 310 6.80 -17.13 18.29
CA GLY D 310 6.86 -17.18 19.74
C GLY D 310 7.18 -18.56 20.30
N MET D 311 6.84 -18.76 21.56
CA MET D 311 7.20 -19.97 22.27
C MET D 311 6.50 -21.24 21.78
N GLU D 312 5.40 -21.11 21.04
CA GLU D 312 4.78 -22.27 20.39
C GLU D 312 5.78 -22.98 19.47
N VAL D 313 6.65 -22.20 18.82
CA VAL D 313 7.70 -22.74 17.94
C VAL D 313 8.68 -23.62 18.72
N ALA D 314 8.97 -23.21 19.95
CA ALA D 314 9.89 -23.96 20.80
C ALA D 314 9.29 -25.32 21.17
N GLU D 315 7.99 -25.35 21.45
CA GLU D 315 7.31 -26.62 21.76
C GLU D 315 7.27 -27.52 20.52
N LEU D 316 6.93 -26.94 19.38
CA LEU D 316 6.77 -27.71 18.14
C LEU D 316 8.11 -28.28 17.67
N ASP D 317 9.14 -27.45 17.61
CA ASP D 317 10.44 -27.84 17.08
C ASP D 317 11.43 -28.37 18.15
N GLY D 318 11.00 -28.44 19.40
CA GLY D 318 11.86 -28.95 20.47
C GLY D 318 13.09 -28.09 20.72
N LEU D 319 12.85 -26.79 20.91
CA LEU D 319 13.93 -25.84 21.12
C LEU D 319 14.09 -25.51 22.59
N ASN D 320 15.18 -24.85 22.92
CA ASN D 320 15.38 -24.33 24.27
C ASN D 320 14.38 -23.21 24.56
N ARG D 321 14.25 -22.88 25.84
CA ARG D 321 13.45 -21.74 26.28
C ARG D 321 14.41 -20.67 26.78
N MET D 322 13.90 -19.44 26.93
CA MET D 322 14.78 -18.31 27.32
C MET D 322 14.40 -17.62 28.62
N GLY D 323 13.24 -17.95 29.19
CA GLY D 323 12.79 -17.29 30.41
C GLY D 323 12.48 -15.81 30.20
N PRO D 324 12.80 -14.96 31.20
CA PRO D 324 12.32 -13.58 31.24
C PRO D 324 13.10 -12.61 30.35
N THR D 325 13.22 -12.93 29.07
CA THR D 325 13.75 -12.00 28.07
C THR D 325 12.86 -12.14 26.83
N PHE D 326 12.60 -11.02 26.16
CA PHE D 326 11.49 -10.92 25.22
C PHE D 326 11.84 -10.50 23.79
N GLY D 327 13.12 -10.24 23.51
CA GLY D 327 13.55 -9.86 22.17
C GLY D 327 13.12 -10.84 21.08
N ALA D 328 13.29 -12.13 21.35
CA ALA D 328 12.93 -13.17 20.38
C ALA D 328 11.43 -13.21 20.09
N MET D 329 10.59 -12.92 21.07
CA MET D 329 9.13 -12.92 20.85
C MET D 329 8.74 -11.87 19.81
N ALA D 330 9.25 -10.66 19.99
CA ALA D 330 8.96 -9.57 19.06
C ALA D 330 9.52 -9.89 17.67
N LEU D 331 10.79 -10.28 17.63
CA LEU D 331 11.47 -10.50 16.35
C LEU D 331 11.01 -11.75 15.61
N SER D 332 10.60 -12.79 16.34
CA SER D 332 10.02 -13.97 15.70
C SER D 332 8.68 -13.62 15.03
N GLY D 333 7.94 -12.70 15.65
CA GLY D 333 6.73 -12.15 15.05
C GLY D 333 7.03 -11.39 13.77
N VAL D 334 8.10 -10.61 13.78
CA VAL D 334 8.53 -9.85 12.59
C VAL D 334 8.89 -10.82 11.47
N HIS D 335 9.63 -11.87 11.83
CA HIS D 335 10.07 -12.86 10.84
C HIS D 335 8.87 -13.59 10.22
N ALA D 336 7.95 -14.06 11.04
CA ALA D 336 6.72 -14.69 10.53
C ALA D 336 5.92 -13.73 9.66
N ALA D 337 5.80 -12.47 10.09
CA ALA D 337 5.11 -11.43 9.32
C ALA D 337 5.71 -11.21 7.92
N GLU D 338 7.04 -11.18 7.85
CA GLU D 338 7.72 -11.05 6.56
C GLU D 338 7.32 -12.16 5.59
N GLN D 339 7.30 -13.40 6.09
CA GLN D 339 6.93 -14.55 5.26
C GLN D 339 5.47 -14.48 4.83
N ILE D 340 4.60 -14.06 5.73
CA ILE D 340 3.18 -13.94 5.44
C ILE D 340 2.94 -12.84 4.40
N LEU D 341 3.61 -11.70 4.57
CA LEU D 341 3.50 -10.60 3.61
C LEU D 341 4.00 -11.01 2.22
N LYS D 342 5.08 -11.80 2.16
CA LYS D 342 5.58 -12.30 0.88
C LYS D 342 4.56 -13.23 0.21
N HIS D 343 3.91 -14.08 1.02
CA HIS D 343 2.86 -14.96 0.50
C HIS D 343 1.77 -14.15 -0.21
N PHE D 344 1.31 -13.07 0.42
CA PHE D 344 0.22 -12.24 -0.14
C PHE D 344 0.65 -11.29 -1.28
N ALA D 345 1.95 -11.14 -1.52
CA ALA D 345 2.46 -10.27 -2.58
C ALA D 345 2.60 -11.00 -3.91
O1 48N E . 5.22 -3.38 -36.16
P1 48N E . 5.25 -3.21 -37.65
O2 48N E . 4.05 -3.48 -38.49
O3 48N E . 6.39 -4.10 -38.34
P2 48N E . 7.61 -4.93 -37.73
O4 48N E . 7.98 -5.90 -38.84
O5 48N E . 8.68 -4.03 -37.18
O6 48N E . 6.98 -5.77 -36.51
C1 48N E . 5.80 -6.53 -36.72
C2 48N E . 5.55 -7.38 -35.49
O7 48N E . 5.10 -6.57 -34.40
C3 48N E . 4.53 -8.44 -35.78
O8 48N E . 3.84 -8.40 -36.79
C4 48N E . 4.34 -9.58 -34.82
C5 48N E . 5.67 -10.22 -34.43
N1 48N E . 3.40 -10.45 -35.48
C6 48N E . 3.69 -11.37 -36.30
C7 48N E . 2.58 -12.13 -36.87
O9 48N E . 2.81 -13.15 -37.56
O10 48N E . 1.42 -11.74 -36.63
O11 48N E . 5.74 -1.72 -37.94
C8 48N E . 5.66 -1.20 -39.26
C9 48N E . 5.60 0.31 -39.18
C10 48N E . 4.24 0.80 -38.68
O12 48N E . 4.46 1.70 -37.60
C11 48N E . 3.60 1.48 -39.87
O13 48N E . 2.82 2.60 -39.48
C12 48N E . 4.81 1.89 -40.68
O14 48N E . 5.79 0.88 -40.46
N2 48N E . 4.65 1.99 -42.15
C13 48N E . 5.12 3.00 -42.87
N3 48N E . 5.75 4.17 -42.59
C14 48N E . 6.08 5.02 -43.57
N4 48N E . 5.81 4.79 -44.87
C15 48N E . 5.18 3.66 -45.29
N5 48N E . 4.93 3.44 -46.59
C16 48N E . 4.78 2.67 -44.26
N6 48N E . 4.18 1.47 -44.23
C17 48N E . 4.09 1.06 -42.95
O1 48N F . -3.95 14.04 -25.38
P1 48N F . -5.41 13.85 -25.10
O2 48N F . -6.45 14.03 -26.17
O3 48N F . -5.91 14.73 -23.86
P2 48N F . -5.04 15.62 -22.83
O4 48N F . -4.21 14.75 -21.92
O5 48N F . -6.03 16.59 -22.21
O6 48N F . -4.02 16.45 -23.74
C1 48N F . -4.50 17.19 -24.83
C2 48N F . -3.38 18.11 -25.27
O7 48N F . -2.30 17.37 -25.86
C3 48N F . -3.89 19.11 -26.26
O8 48N F . -5.03 19.00 -26.70
C4 48N F . -3.01 20.22 -26.72
C5 48N F . -2.33 20.94 -25.56
N1 48N F . -3.90 21.06 -27.50
C6 48N F . -4.60 22.01 -27.05
C7 48N F . -5.48 22.69 -28.01
O9 48N F . -6.08 23.72 -27.67
O10 48N F . -5.57 22.21 -29.16
O11 48N F . -5.57 12.38 -24.49
C8 48N F . -6.85 11.81 -24.28
C9 48N F . -6.63 10.31 -24.26
C10 48N F . -6.39 9.76 -25.66
O12 48N F . -5.28 8.86 -25.62
C11 48N F . -7.68 9.03 -26.00
O13 48N F . -7.46 7.88 -26.81
C12 48N F . -8.18 8.62 -24.63
O14 48N F . -7.81 9.69 -23.76
N2 48N F . -9.64 8.45 -24.48
C13 48N F . -10.21 7.45 -23.84
N3 48N F . -9.75 6.32 -23.22
C14 48N F . -10.62 5.44 -22.67
N4 48N F . -11.95 5.63 -22.68
C15 48N F . -12.53 6.71 -23.25
N5 48N F . -13.86 6.90 -23.25
C16 48N F . -11.64 7.71 -23.89
N6 48N F . -11.81 8.87 -24.53
C17 48N F . -10.58 9.33 -24.89
O1 48N G . -13.58 -3.33 38.09
P1 48N G . -12.91 -2.16 37.46
O2 48N G . -12.90 -1.98 35.97
O3 48N G . -13.44 -0.86 38.25
P2 48N G . -13.88 0.57 37.67
O4 48N G . -14.83 1.11 38.71
O5 48N G . -12.67 1.41 37.34
O6 48N G . -14.69 0.25 36.33
C1 48N G . -15.88 -0.53 36.39
C2 48N G . -16.62 -0.42 35.06
O7 48N G . -15.84 -0.97 34.00
C3 48N G . -17.93 -1.14 35.12
O8 48N G . -18.19 -1.90 36.03
C4 48N G . -18.92 -0.95 34.01
C5 48N G . -19.17 0.52 33.68
N1 48N G . -20.11 -1.67 34.45
C6 48N G . -20.99 -1.18 35.22
C7 48N G . -22.12 -2.06 35.60
O9 48N G . -23.07 -1.61 36.23
O10 48N G . -22.08 -3.26 35.24
O11 48N G . -11.38 -2.15 37.93
C8 48N G . -11.06 -2.43 39.28
C9 48N G . -9.62 -2.91 39.31
C10 48N G . -9.46 -4.28 38.69
O12 48N G . -8.37 -4.23 37.75
C11 48N G . -9.16 -5.22 39.85
O13 48N G . -8.27 -6.26 39.50
C12 48N G . -8.51 -4.26 40.83
O14 48N G . -9.16 -3.01 40.65
N2 48N G . -8.64 -4.59 42.26
C13 48N G . -7.64 -4.47 43.13
N3 48N G . -6.33 -4.12 43.04
C14 48N G . -5.56 -4.13 44.15
N4 48N G . -6.02 -4.46 45.38
C15 48N G . -7.30 -4.82 45.59
N5 48N G . -7.75 -5.14 46.82
C16 48N G . -8.21 -4.84 44.43
N6 48N G . -9.51 -5.13 44.22
C17 48N G . -9.77 -4.96 42.90
O1 48N H . 1.86 -17.05 26.18
P1 48N H . 2.06 -15.89 25.26
O2 48N H . 2.60 -14.60 25.77
O3 48N H . 2.93 -16.49 24.02
P2 48N H . 4.15 -15.82 23.22
O4 48N H . 4.89 -16.97 22.59
O5 48N H . 3.68 -14.69 22.33
O6 48N H . 5.07 -15.18 24.36
C1 48N H . 5.57 -15.99 25.39
C2 48N H . 6.61 -15.18 26.15
O7 48N H . 5.96 -14.10 26.83
C3 48N H . 7.32 -16.05 27.12
O8 48N H . 6.87 -17.17 27.42
C4 48N H . 8.60 -15.59 27.75
C5 48N H . 9.59 -15.07 26.71
N1 48N H . 9.07 -16.76 28.48
C6 48N H . 9.81 -17.66 28.02
C7 48N H . 10.13 -18.78 28.92
O9 48N H . 10.97 -19.64 28.59
O10 48N H . 9.53 -18.83 30.02
O11 48N H . 0.68 -15.57 24.53
C8 48N H . -0.14 -16.60 24.00
C9 48N H . -1.56 -16.07 23.91
C10 48N H . -2.18 -15.82 25.28
O12 48N H . -2.71 -14.50 25.32
C11 48N H . -3.26 -16.90 25.41
O13 48N H . -4.39 -16.47 26.15
C12 48N H . -3.62 -17.14 23.95
O14 48N H . -2.39 -17.04 23.26
N2 48N H . -4.16 -18.46 23.63
C13 48N H . -5.18 -18.66 22.81
N3 48N H . -6.05 -17.85 22.12
C14 48N H . -7.03 -18.39 21.38
N4 48N H . -7.23 -19.72 21.27
C15 48N H . -6.42 -20.62 21.89
N5 48N H . -6.61 -21.95 21.78
C16 48N H . -5.32 -20.11 22.74
N6 48N H . -4.35 -20.65 23.50
C17 48N H . -3.65 -19.63 24.03
#